data_5GRU
#
_entry.id   5GRU
#
_cell.length_a   197.267
_cell.length_b   50.823
_cell.length_c   105.873
_cell.angle_alpha   90.00
_cell.angle_beta   111.28
_cell.angle_gamma   90.00
#
_symmetry.space_group_name_H-M   'C 1 2 1'
#
loop_
_entity.id
_entity.type
_entity.pdbx_description
1 polymer 'Maltose-binding periplasmic protein'
2 polymer 'diabody protein'
3 polymer 'diabody protein'
4 water water
#
loop_
_entity_poly.entity_id
_entity_poly.type
_entity_poly.pdbx_seq_one_letter_code
_entity_poly.pdbx_strand_id
1 'polypeptide(L)'
;KIEEGKLVIWINGDKGYNGLAEVGKKFEKDTGIKVTVEHPDKLEEKFPQVAATGDGPDIIFWAHDRFGGYAQSGLLAEIT
PDKAFQDKLYPFTWDAVRYNGKLIAYPIAVEALSLIYNKDLLPNPPKTWEEIPALDKELKAKGKSALMFNLQEPYFTWPL
IAADGGYAFKYENGKYDIKDVGVDNAGAKAGLTFLVDLIKNKHMNADTDYSIAEAAFNKGETAMTINGPWAWSNIDTSKV
NYGVTVLPTFKGQPSKPFVGVLSAGINAASPNKELAKEFLENYLLTDEGLEAVNKDKPLGAVALKSYEEELAKDPRIAAT
MENAQKGEIMPNIPQMSAFWYAVRTAVINAASGRQTVDEALKDAQTLVPRGSAAALEHHHHHH
;
A
2 'polypeptide(L)'
;EVQLVESGGGLVQPGGSLRLSCAASGFNFSSSSIHWVRQAPGKGLEWVASISSSSGSTSYADSVKGRFTISADTSKNTAY
LQMNSLTAEDTAVYYCARGYYYTGLWYPYAMYEFGMDYWGQGTLVTVSSGGGGSDIQLTQSTSSLPASLGDRVTISCRAG
QDISNHLNWYQQKPDGTVKLLIYYTSRLHSGVPSRFSGSGSGTDYSLTISNLEQEDIATYFCQQGNTLPWTFGGGSKLEI
KSRHHHHHH
;
H
3 'polypeptide(L)'
;QVQLKESGPGLVRPSQSLSLTCSVTGYSITSGYYWNWIRQFPGNKLEWMGYISYDGSNNYNPSLKGRISITRDTSKNQFF
LKLNSVTTDDTATYYCARAYIGFAYWGQGTLVTVSSGGGGSDIQMTQSPSSLSASVGDRVTITCRASQSVSSAVAWYQQK
PGKAPKLLIYSASSLYSGVPSRFSGSRSGTDFTLTISSLQPEDFATYYCQQSSSSLITFGQGTKVEIK
;
L
#
# COMPACT_ATOMS: atom_id res chain seq x y z
N LEU A 7 15.67 -17.12 -24.93
CA LEU A 7 14.35 -16.52 -24.68
C LEU A 7 14.05 -16.23 -23.19
N VAL A 8 13.83 -14.96 -22.88
CA VAL A 8 13.36 -14.53 -21.56
C VAL A 8 11.91 -14.12 -21.70
N ILE A 9 11.04 -14.67 -20.85
CA ILE A 9 9.59 -14.46 -20.92
C ILE A 9 9.08 -13.87 -19.61
N TRP A 10 8.22 -12.87 -19.70
CA TRP A 10 7.55 -12.28 -18.54
C TRP A 10 6.05 -12.58 -18.58
N ILE A 11 5.53 -13.09 -17.46
CA ILE A 11 4.11 -13.38 -17.29
C ILE A 11 3.78 -13.15 -15.81
N ASN A 12 2.51 -12.81 -15.53
CA ASN A 12 2.13 -12.40 -14.18
C ASN A 12 2.08 -13.59 -13.24
N GLY A 13 2.34 -13.32 -11.95
CA GLY A 13 2.46 -14.36 -10.94
C GLY A 13 1.22 -15.18 -10.71
N ASP A 14 0.05 -14.65 -11.04
CA ASP A 14 -1.17 -15.41 -10.86
C ASP A 14 -1.47 -16.34 -12.03
N LYS A 15 -0.61 -16.34 -13.06
CA LYS A 15 -0.75 -17.23 -14.20
C LYS A 15 0.09 -18.50 -14.02
N GLY A 16 -0.16 -19.48 -14.88
CA GLY A 16 0.53 -20.75 -14.82
C GLY A 16 1.97 -20.69 -15.28
N TYR A 17 2.81 -19.93 -14.58
CA TYR A 17 4.15 -19.66 -15.08
C TYR A 17 5.06 -20.87 -15.00
N ASN A 18 4.80 -21.80 -14.07
CA ASN A 18 5.54 -23.06 -14.06
C ASN A 18 5.09 -23.97 -15.18
N GLY A 19 3.80 -23.93 -15.51
CA GLY A 19 3.34 -24.61 -16.71
C GLY A 19 4.00 -24.06 -17.95
N LEU A 20 4.11 -22.73 -18.05
CA LEU A 20 4.77 -22.10 -19.18
C LEU A 20 6.24 -22.50 -19.26
N ALA A 21 6.89 -22.65 -18.11
CA ALA A 21 8.30 -23.07 -18.11
C ALA A 21 8.47 -24.49 -18.61
N GLU A 22 7.46 -25.34 -18.46
CA GLU A 22 7.53 -26.68 -19.02
C GLU A 22 7.52 -26.65 -20.54
N VAL A 23 6.68 -25.80 -21.14
CA VAL A 23 6.75 -25.59 -22.57
C VAL A 23 8.14 -25.09 -22.97
N GLY A 24 8.70 -24.20 -22.15
CA GLY A 24 10.07 -23.74 -22.40
C GLY A 24 11.09 -24.86 -22.34
N LYS A 25 10.84 -25.87 -21.51
CA LYS A 25 11.77 -26.98 -21.43
C LYS A 25 11.67 -27.87 -22.65
N LYS A 26 10.45 -28.10 -23.17
CA LYS A 26 10.30 -28.81 -24.43
C LYS A 26 10.96 -28.05 -25.58
N PHE A 27 10.81 -26.72 -25.60
CA PHE A 27 11.46 -25.93 -26.64
C PHE A 27 12.98 -26.10 -26.60
N GLU A 28 13.55 -26.07 -25.40
CA GLU A 28 15.00 -26.23 -25.26
C GLU A 28 15.45 -27.61 -25.71
N LYS A 29 14.62 -28.62 -25.43
CA LYS A 29 14.89 -30.00 -25.77
C LYS A 29 14.90 -30.22 -27.28
N ASP A 30 14.07 -29.50 -28.03
CA ASP A 30 14.00 -29.67 -29.48
C ASP A 30 14.89 -28.72 -30.26
N THR A 31 15.33 -27.60 -29.67
CA THR A 31 16.04 -26.56 -30.41
C THR A 31 17.37 -26.15 -29.77
N GLY A 32 17.65 -26.56 -28.54
CA GLY A 32 18.82 -26.12 -27.82
C GLY A 32 18.73 -24.75 -27.20
N ILE A 33 17.64 -24.02 -27.43
CA ILE A 33 17.49 -22.65 -26.95
C ILE A 33 16.92 -22.68 -25.52
N LYS A 34 17.65 -22.07 -24.57
CA LYS A 34 17.14 -21.94 -23.21
C LYS A 34 15.99 -20.94 -23.15
N VAL A 35 14.97 -21.28 -22.37
CA VAL A 35 13.82 -20.40 -22.11
C VAL A 35 13.76 -20.18 -20.61
N THR A 36 13.76 -18.92 -20.20
CA THR A 36 13.67 -18.56 -18.79
C THR A 36 12.43 -17.71 -18.58
N VAL A 37 11.55 -18.17 -17.69
CA VAL A 37 10.27 -17.53 -17.40
C VAL A 37 10.39 -16.84 -16.05
N GLU A 38 10.13 -15.54 -16.02
CA GLU A 38 10.15 -14.74 -14.80
C GLU A 38 8.79 -14.10 -14.60
N HIS A 39 8.46 -13.80 -13.34
CA HIS A 39 7.19 -13.17 -13.00
C HIS A 39 7.46 -12.05 -11.99
N PRO A 40 8.13 -10.98 -12.42
CA PRO A 40 8.45 -9.89 -11.49
C PRO A 40 7.20 -9.14 -11.07
N ASP A 41 7.25 -8.55 -9.87
CA ASP A 41 6.17 -7.69 -9.41
C ASP A 41 6.05 -6.48 -10.32
N LYS A 42 4.82 -5.97 -10.47
CA LYS A 42 4.54 -4.77 -11.25
C LYS A 42 5.13 -4.88 -12.66
N LEU A 43 5.14 -6.12 -13.16
CA LEU A 43 5.61 -6.44 -14.50
C LEU A 43 5.15 -5.45 -15.55
N GLU A 44 3.85 -5.17 -15.58
CA GLU A 44 3.27 -4.31 -16.61
C GLU A 44 3.80 -2.88 -16.54
N GLU A 45 4.36 -2.47 -15.39
CA GLU A 45 5.02 -1.18 -15.20
C GLU A 45 6.50 -1.24 -15.52
N LYS A 46 7.18 -2.31 -15.11
CA LYS A 46 8.61 -2.45 -15.41
C LYS A 46 8.86 -2.54 -16.91
N PHE A 47 8.00 -3.27 -17.64
CA PHE A 47 8.27 -3.59 -19.03
C PHE A 47 8.60 -2.35 -19.85
N PRO A 48 7.71 -1.35 -19.97
CA PRO A 48 8.05 -0.20 -20.81
C PRO A 48 9.27 0.57 -20.32
N GLN A 49 9.65 0.43 -19.06
CA GLN A 49 10.85 1.11 -18.58
C GLN A 49 12.11 0.44 -19.10
N VAL A 50 12.21 -0.88 -18.95
CA VAL A 50 13.40 -1.59 -19.45
C VAL A 50 13.39 -1.76 -20.96
N ALA A 51 12.22 -1.76 -21.60
CA ALA A 51 12.19 -1.94 -23.05
C ALA A 51 12.65 -0.69 -23.79
N ALA A 52 12.43 0.49 -23.21
CA ALA A 52 12.94 1.72 -23.81
C ALA A 52 14.46 1.77 -23.78
N THR A 53 15.07 1.19 -22.74
CA THR A 53 16.51 0.97 -22.74
C THR A 53 16.96 0.13 -23.93
N GLY A 54 16.13 -0.81 -24.35
CA GLY A 54 16.55 -1.92 -25.17
C GLY A 54 16.76 -3.22 -24.40
N ASP A 55 16.23 -3.32 -23.18
CA ASP A 55 16.32 -4.47 -22.30
C ASP A 55 14.94 -5.10 -22.11
N GLY A 56 14.81 -5.93 -21.10
CA GLY A 56 13.55 -6.55 -20.80
C GLY A 56 13.48 -7.92 -21.43
N PRO A 57 12.31 -8.55 -21.36
CA PRO A 57 12.18 -9.90 -21.87
C PRO A 57 11.98 -9.88 -23.38
N ASP A 58 12.19 -11.04 -23.99
CA ASP A 58 11.87 -11.18 -25.42
C ASP A 58 10.35 -11.19 -25.63
N ILE A 59 9.63 -11.83 -24.72
CA ILE A 59 8.18 -12.02 -24.84
C ILE A 59 7.54 -11.51 -23.56
N ILE A 60 6.44 -10.77 -23.66
CA ILE A 60 5.68 -10.34 -22.49
C ILE A 60 4.23 -10.78 -22.63
N PHE A 61 3.68 -11.39 -21.58
CA PHE A 61 2.29 -11.84 -21.53
C PHE A 61 1.48 -10.85 -20.70
N TRP A 62 0.38 -10.34 -21.25
CA TRP A 62 -0.47 -9.46 -20.47
C TRP A 62 -1.82 -9.30 -21.17
N ALA A 63 -2.78 -8.73 -20.44
CA ALA A 63 -4.08 -8.38 -21.00
C ALA A 63 -3.90 -7.42 -22.17
N HIS A 64 -4.67 -7.65 -23.23
CA HIS A 64 -4.41 -6.97 -24.50
C HIS A 64 -4.52 -5.46 -24.40
N ASP A 65 -5.35 -4.94 -23.48
CA ASP A 65 -5.57 -3.51 -23.51
C ASP A 65 -4.32 -2.74 -23.12
N ARG A 66 -3.41 -3.36 -22.36
CA ARG A 66 -2.16 -2.70 -22.01
C ARG A 66 -1.24 -2.54 -23.22
N PHE A 67 -1.37 -3.41 -24.23
CA PHE A 67 -0.41 -3.41 -25.31
C PHE A 67 -0.55 -2.20 -26.23
N GLY A 68 -1.72 -1.54 -26.22
CA GLY A 68 -1.86 -0.35 -27.04
C GLY A 68 -0.88 0.74 -26.64
N GLY A 69 -0.68 0.92 -25.33
CA GLY A 69 0.34 1.84 -24.87
C GLY A 69 1.73 1.42 -25.30
N TYR A 70 2.07 0.13 -25.12
CA TYR A 70 3.37 -0.36 -25.55
C TYR A 70 3.54 -0.16 -27.06
N ALA A 71 2.48 -0.39 -27.84
CA ALA A 71 2.56 -0.25 -29.29
C ALA A 71 2.77 1.20 -29.70
N GLN A 72 2.05 2.14 -29.06
CA GLN A 72 2.24 3.56 -29.35
C GLN A 72 3.69 3.98 -29.12
N SER A 73 4.32 3.46 -28.07
CA SER A 73 5.71 3.75 -27.79
C SER A 73 6.69 2.97 -28.66
N GLY A 74 6.20 2.14 -29.58
CA GLY A 74 7.08 1.36 -30.43
C GLY A 74 7.85 0.29 -29.72
N LEU A 75 7.33 -0.25 -28.63
CA LEU A 75 8.07 -1.26 -27.88
C LEU A 75 7.75 -2.69 -28.30
N LEU A 76 6.76 -2.89 -29.17
CA LEU A 76 6.33 -4.22 -29.60
C LEU A 76 6.56 -4.39 -31.09
N ALA A 77 7.13 -5.55 -31.44
CA ALA A 77 7.33 -5.92 -32.83
C ALA A 77 6.00 -6.30 -33.48
N GLU A 78 5.89 -5.99 -34.77
CA GLU A 78 4.78 -6.49 -35.56
C GLU A 78 4.96 -7.98 -35.79
N ILE A 79 3.93 -8.77 -35.50
CA ILE A 79 4.05 -10.22 -35.67
C ILE A 79 3.56 -10.61 -37.05
N THR A 80 4.00 -11.79 -37.52
CA THR A 80 3.80 -12.21 -38.92
C THR A 80 3.18 -13.61 -39.06
N PRO A 81 2.09 -13.91 -38.34
CA PRO A 81 1.50 -15.25 -38.48
C PRO A 81 0.81 -15.41 -39.84
N ASP A 82 1.02 -16.59 -40.46
CA ASP A 82 0.33 -16.98 -41.69
C ASP A 82 -1.18 -16.82 -41.56
N LYS A 83 -1.88 -16.69 -42.69
CA LYS A 83 -3.32 -16.80 -42.61
C LYS A 83 -3.76 -18.20 -42.20
N ALA A 84 -2.95 -19.24 -42.53
CA ALA A 84 -3.26 -20.58 -42.03
C ALA A 84 -3.17 -20.62 -40.50
N PHE A 85 -2.18 -19.97 -39.90
CA PHE A 85 -2.09 -19.96 -38.44
C PHE A 85 -3.23 -19.16 -37.83
N GLN A 86 -3.53 -17.98 -38.36
CA GLN A 86 -4.63 -17.16 -37.84
C GLN A 86 -5.94 -17.93 -37.78
N ASP A 87 -6.19 -18.79 -38.78
CA ASP A 87 -7.41 -19.61 -38.79
C ASP A 87 -7.50 -20.58 -37.61
N LYS A 88 -6.39 -20.87 -36.94
CA LYS A 88 -6.44 -21.76 -35.79
C LYS A 88 -7.06 -21.11 -34.57
N LEU A 89 -7.21 -19.79 -34.56
CA LEU A 89 -7.73 -19.05 -33.44
C LEU A 89 -9.07 -18.43 -33.82
N TYR A 90 -9.90 -18.17 -32.82
CA TYR A 90 -11.21 -17.57 -33.08
C TYR A 90 -11.01 -16.20 -33.71
N PRO A 91 -11.68 -15.91 -34.83
CA PRO A 91 -11.38 -14.68 -35.58
C PRO A 91 -11.46 -13.43 -34.73
N PHE A 92 -12.42 -13.37 -33.79
CA PHE A 92 -12.60 -12.15 -33.03
C PHE A 92 -11.39 -11.83 -32.17
N THR A 93 -10.64 -12.84 -31.72
CA THR A 93 -9.49 -12.54 -30.86
C THR A 93 -8.41 -11.76 -31.61
N TRP A 94 -8.29 -11.90 -32.93
CA TRP A 94 -7.26 -11.15 -33.65
C TRP A 94 -7.54 -9.65 -33.66
N ASP A 95 -8.80 -9.24 -33.46
CA ASP A 95 -9.08 -7.80 -33.35
C ASP A 95 -8.54 -7.20 -32.06
N ALA A 96 -8.31 -8.00 -31.03
CA ALA A 96 -7.85 -7.47 -29.75
C ALA A 96 -6.37 -7.10 -29.76
N VAL A 97 -5.60 -7.63 -30.70
CA VAL A 97 -4.15 -7.48 -30.71
C VAL A 97 -3.70 -6.63 -31.90
N ARG A 98 -4.54 -5.72 -32.35
CA ARG A 98 -4.22 -4.84 -33.46
C ARG A 98 -4.05 -3.41 -32.96
N TYR A 99 -3.04 -2.73 -33.49
CA TYR A 99 -2.81 -1.34 -33.16
C TYR A 99 -2.34 -0.61 -34.41
N ASN A 100 -3.11 0.40 -34.82
CA ASN A 100 -2.91 1.08 -36.10
C ASN A 100 -2.95 0.10 -37.27
N GLY A 101 -3.82 -0.91 -37.15
CA GLY A 101 -4.01 -1.91 -38.19
C GLY A 101 -3.02 -3.06 -38.17
N LYS A 102 -1.96 -2.98 -37.36
CA LYS A 102 -0.90 -3.98 -37.35
C LYS A 102 -1.09 -4.97 -36.20
N LEU A 103 -0.84 -6.25 -36.48
CA LEU A 103 -0.81 -7.24 -35.42
C LEU A 103 0.44 -7.05 -34.57
N ILE A 104 0.26 -6.97 -33.26
CA ILE A 104 1.37 -6.71 -32.34
C ILE A 104 1.40 -7.69 -31.18
N ALA A 105 0.62 -8.78 -31.27
CA ALA A 105 0.62 -9.78 -30.20
C ALA A 105 -0.20 -11.00 -30.60
N TYR A 106 0.13 -12.15 -29.99
CA TYR A 106 -0.62 -13.39 -30.19
C TYR A 106 -1.70 -13.56 -29.12
N PRO A 107 -2.97 -13.73 -29.49
CA PRO A 107 -4.00 -14.04 -28.47
C PRO A 107 -3.78 -15.39 -27.83
N ILE A 108 -3.96 -15.45 -26.50
CA ILE A 108 -3.78 -16.67 -25.71
C ILE A 108 -5.11 -17.12 -25.11
N ALA A 109 -5.76 -16.25 -24.33
CA ALA A 109 -6.94 -16.65 -23.58
C ALA A 109 -7.96 -15.52 -23.58
N VAL A 110 -9.20 -15.86 -23.25
CA VAL A 110 -10.35 -14.99 -23.43
C VAL A 110 -11.12 -14.95 -22.12
N GLU A 111 -11.52 -13.74 -21.70
CA GLU A 111 -12.20 -13.57 -20.41
C GLU A 111 -13.33 -12.56 -20.55
N ALA A 112 -14.47 -12.87 -19.94
CA ALA A 112 -15.65 -12.01 -19.99
C ALA A 112 -16.62 -12.38 -18.87
N LEU A 113 -17.44 -11.40 -18.49
CA LEU A 113 -18.51 -11.63 -17.51
C LEU A 113 -19.52 -12.66 -18.01
N SER A 114 -20.13 -13.38 -17.08
CA SER A 114 -21.22 -14.30 -17.35
C SER A 114 -22.31 -14.17 -16.30
N LEU A 115 -23.43 -14.84 -16.58
CA LEU A 115 -24.52 -14.94 -15.62
C LEU A 115 -24.27 -16.13 -14.72
N ILE A 116 -24.11 -15.87 -13.42
CA ILE A 116 -23.92 -16.91 -12.44
C ILE A 116 -25.23 -17.06 -11.69
N TYR A 117 -25.70 -18.29 -11.52
CA TYR A 117 -27.00 -18.50 -10.88
C TYR A 117 -26.94 -19.64 -9.88
N ASN A 118 -27.82 -19.54 -8.89
CA ASN A 118 -27.96 -20.53 -7.82
C ASN A 118 -28.97 -21.57 -8.29
N LYS A 119 -28.50 -22.80 -8.56
CA LYS A 119 -29.36 -23.85 -9.10
C LYS A 119 -30.43 -24.32 -8.12
N ASP A 120 -30.21 -24.14 -6.81
CA ASP A 120 -31.22 -24.55 -5.85
C ASP A 120 -32.39 -23.57 -5.80
N LEU A 121 -32.11 -22.28 -5.97
CA LEU A 121 -33.16 -21.27 -6.01
C LEU A 121 -33.81 -21.14 -7.38
N LEU A 122 -33.05 -21.45 -8.43
CA LEU A 122 -33.44 -21.05 -9.78
C LEU A 122 -32.86 -22.06 -10.75
N PRO A 123 -33.41 -23.28 -10.80
CA PRO A 123 -32.85 -24.30 -11.70
C PRO A 123 -32.84 -23.89 -13.17
N ASN A 124 -33.72 -22.97 -13.59
CA ASN A 124 -33.76 -22.57 -15.00
C ASN A 124 -33.65 -21.05 -15.10
N PRO A 125 -32.42 -20.55 -15.30
CA PRO A 125 -32.22 -19.10 -15.23
C PRO A 125 -32.85 -18.41 -16.44
N PRO A 126 -33.19 -17.13 -16.30
CA PRO A 126 -33.87 -16.42 -17.40
C PRO A 126 -32.97 -16.23 -18.61
N LYS A 127 -33.58 -16.27 -19.78
CA LYS A 127 -32.90 -15.96 -21.03
C LYS A 127 -32.94 -14.48 -21.38
N THR A 128 -33.85 -13.71 -20.78
CA THR A 128 -34.02 -12.30 -21.10
C THR A 128 -34.02 -11.46 -19.84
N TRP A 129 -33.48 -10.24 -19.96
CA TRP A 129 -33.52 -9.29 -18.86
C TRP A 129 -34.95 -8.94 -18.48
N GLU A 130 -35.87 -8.98 -19.45
CA GLU A 130 -37.24 -8.59 -19.20
C GLU A 130 -37.97 -9.54 -18.25
N GLU A 131 -37.46 -10.77 -18.05
CA GLU A 131 -38.09 -11.71 -17.13
C GLU A 131 -37.78 -11.40 -15.66
N ILE A 132 -36.73 -10.64 -15.38
CA ILE A 132 -36.16 -10.57 -14.04
C ILE A 132 -37.09 -9.86 -13.06
N PRO A 133 -37.78 -8.77 -13.42
CA PRO A 133 -38.74 -8.18 -12.46
C PRO A 133 -39.73 -9.18 -11.88
N ALA A 134 -40.41 -9.98 -12.72
CA ALA A 134 -41.38 -10.92 -12.18
C ALA A 134 -40.69 -12.01 -11.37
N LEU A 135 -39.48 -12.41 -11.77
CA LEU A 135 -38.72 -13.36 -10.96
C LEU A 135 -38.38 -12.77 -9.59
N ASP A 136 -38.07 -11.48 -9.54
CA ASP A 136 -37.70 -10.86 -8.27
C ASP A 136 -38.88 -10.80 -7.32
N LYS A 137 -40.06 -10.40 -7.84
CA LYS A 137 -41.26 -10.44 -7.03
C LYS A 137 -41.49 -11.82 -6.43
N GLU A 138 -41.31 -12.89 -7.22
CA GLU A 138 -41.46 -14.25 -6.71
C GLU A 138 -40.47 -14.54 -5.58
N LEU A 139 -39.21 -14.14 -5.77
CA LEU A 139 -38.17 -14.49 -4.83
C LEU A 139 -38.23 -13.62 -3.59
N LYS A 140 -38.63 -12.35 -3.75
CA LYS A 140 -38.85 -11.47 -2.60
C LYS A 140 -39.84 -12.08 -1.61
N ALA A 141 -40.89 -12.73 -2.12
CA ALA A 141 -41.85 -13.42 -1.27
C ALA A 141 -41.24 -14.59 -0.51
N LYS A 142 -40.06 -15.08 -0.91
CA LYS A 142 -39.35 -16.13 -0.20
C LYS A 142 -38.18 -15.57 0.62
N GLY A 143 -38.18 -14.26 0.90
CA GLY A 143 -37.05 -13.65 1.56
C GLY A 143 -35.75 -13.65 0.78
N LYS A 144 -35.79 -13.80 -0.55
CA LYS A 144 -34.63 -13.75 -1.43
C LYS A 144 -34.77 -12.61 -2.43
N SER A 145 -33.79 -12.47 -3.32
CA SER A 145 -33.85 -11.52 -4.42
C SER A 145 -33.43 -12.23 -5.71
N ALA A 146 -33.77 -11.62 -6.86
CA ALA A 146 -33.45 -12.27 -8.13
C ALA A 146 -31.99 -12.10 -8.52
N LEU A 147 -31.49 -10.86 -8.46
CA LEU A 147 -30.21 -10.54 -9.07
C LEU A 147 -29.48 -9.49 -8.26
N MET A 148 -28.20 -9.73 -7.94
CA MET A 148 -27.36 -8.70 -7.37
C MET A 148 -26.00 -8.71 -8.05
N PHE A 149 -25.56 -7.54 -8.53
CA PHE A 149 -24.22 -7.44 -9.10
C PHE A 149 -23.73 -6.01 -8.92
N ASN A 150 -22.42 -5.82 -9.14
CA ASN A 150 -21.76 -4.54 -8.90
C ASN A 150 -22.31 -3.43 -9.79
N LEU A 151 -23.02 -2.47 -9.20
CA LEU A 151 -23.52 -1.33 -9.97
C LEU A 151 -22.60 -0.12 -9.97
N GLN A 152 -21.47 -0.17 -9.26
CA GLN A 152 -20.65 1.03 -9.11
C GLN A 152 -19.67 1.25 -10.25
N GLU A 153 -19.26 0.20 -10.97
CA GLU A 153 -18.26 0.36 -12.00
C GLU A 153 -18.85 0.01 -13.36
N PRO A 154 -18.68 0.87 -14.36
CA PRO A 154 -19.32 0.64 -15.67
C PRO A 154 -18.91 -0.65 -16.34
N TYR A 155 -17.75 -1.23 -16.01
CA TYR A 155 -17.39 -2.51 -16.58
C TYR A 155 -18.48 -3.54 -16.31
N PHE A 156 -19.13 -3.46 -15.15
CA PHE A 156 -20.14 -4.45 -14.77
C PHE A 156 -21.53 -4.13 -15.32
N THR A 157 -21.83 -2.86 -15.59
CA THR A 157 -23.16 -2.48 -16.08
C THR A 157 -23.22 -2.38 -17.60
N TRP A 158 -22.06 -2.27 -18.25
CA TRP A 158 -22.01 -2.14 -19.70
C TRP A 158 -22.66 -3.28 -20.48
N PRO A 159 -22.60 -4.55 -20.07
CA PRO A 159 -23.25 -5.60 -20.89
C PRO A 159 -24.71 -5.30 -21.18
N LEU A 160 -25.44 -4.78 -20.18
CA LEU A 160 -26.84 -4.39 -20.41
C LEU A 160 -26.94 -3.09 -21.20
N ILE A 161 -26.12 -2.10 -20.88
CA ILE A 161 -26.20 -0.83 -21.60
C ILE A 161 -25.86 -1.01 -23.06
N ALA A 162 -24.91 -1.89 -23.38
CA ALA A 162 -24.49 -2.04 -24.77
C ALA A 162 -25.42 -2.94 -25.57
N ALA A 163 -26.24 -3.76 -24.90
CA ALA A 163 -26.97 -4.82 -25.60
C ALA A 163 -27.71 -4.31 -26.83
N ASP A 164 -28.39 -3.17 -26.71
CA ASP A 164 -29.27 -2.70 -27.78
C ASP A 164 -28.59 -1.71 -28.71
N GLY A 165 -27.27 -1.51 -28.60
CA GLY A 165 -26.61 -0.66 -29.56
C GLY A 165 -25.52 0.25 -29.06
N GLY A 166 -25.30 0.32 -27.75
CA GLY A 166 -24.21 1.11 -27.23
C GLY A 166 -22.86 0.49 -27.52
N TYR A 167 -21.84 1.34 -27.56
CA TYR A 167 -20.47 0.90 -27.74
C TYR A 167 -19.56 2.03 -27.26
N ALA A 168 -18.30 1.68 -26.99
CA ALA A 168 -17.39 2.71 -26.52
C ALA A 168 -16.81 3.49 -27.68
N PHE A 169 -16.07 2.81 -28.55
CA PHE A 169 -15.44 3.44 -29.73
C PHE A 169 -15.69 2.55 -30.94
N LYS A 170 -16.04 3.19 -32.05
CA LYS A 170 -16.29 2.44 -33.27
C LYS A 170 -15.01 1.76 -33.75
N TYR A 171 -15.10 0.47 -33.98
CA TYR A 171 -13.96 -0.30 -34.47
C TYR A 171 -14.27 -0.75 -35.89
N GLU A 172 -13.42 -0.35 -36.82
CA GLU A 172 -13.52 -0.70 -38.26
C GLU A 172 -12.14 -0.95 -38.80
N ASN A 173 -12.05 -1.92 -39.70
CA ASN A 173 -10.81 -2.41 -40.31
C ASN A 173 -9.96 -2.88 -39.21
N GLY A 174 -8.94 -2.15 -38.82
CA GLY A 174 -8.22 -2.53 -37.64
C GLY A 174 -7.98 -1.41 -36.72
N LYS A 175 -8.86 -0.42 -36.75
CA LYS A 175 -8.65 0.73 -35.93
C LYS A 175 -9.90 1.30 -35.29
N TYR A 176 -9.66 2.18 -34.34
CA TYR A 176 -10.74 2.81 -33.57
C TYR A 176 -10.87 4.26 -33.99
N ASP A 177 -12.09 4.65 -34.34
CA ASP A 177 -12.42 6.05 -34.57
C ASP A 177 -12.68 6.70 -33.22
N ILE A 178 -11.71 7.46 -32.71
CA ILE A 178 -11.78 8.01 -31.36
C ILE A 178 -12.83 9.11 -31.26
N LYS A 179 -13.52 9.39 -32.37
CA LYS A 179 -14.61 10.35 -32.37
C LYS A 179 -15.96 9.73 -32.67
N ASP A 180 -16.03 8.42 -32.86
CA ASP A 180 -17.30 7.71 -33.06
C ASP A 180 -17.57 6.93 -31.77
N VAL A 181 -18.30 7.57 -30.85
CA VAL A 181 -18.55 7.07 -29.51
C VAL A 181 -20.03 6.74 -29.39
N GLY A 182 -20.34 5.55 -28.87
CA GLY A 182 -21.72 5.10 -28.82
C GLY A 182 -22.29 5.08 -27.42
N VAL A 183 -22.06 6.16 -26.66
CA VAL A 183 -22.54 6.21 -25.29
C VAL A 183 -23.94 6.79 -25.18
N ASP A 184 -24.35 7.70 -26.08
CA ASP A 184 -25.66 8.33 -25.93
C ASP A 184 -26.60 8.07 -27.10
N ASN A 185 -26.40 6.99 -27.85
CA ASN A 185 -27.36 6.61 -28.87
C ASN A 185 -28.57 5.94 -28.23
N ALA A 186 -29.56 5.61 -29.05
CA ALA A 186 -30.82 5.08 -28.52
C ALA A 186 -30.64 3.73 -27.84
N GLY A 187 -29.67 2.93 -28.27
CA GLY A 187 -29.48 1.62 -27.65
C GLY A 187 -28.97 1.75 -26.22
N ALA A 188 -27.99 2.62 -26.00
CA ALA A 188 -27.46 2.82 -24.66
C ALA A 188 -28.49 3.47 -23.75
N LYS A 189 -29.31 4.38 -24.31
CA LYS A 189 -30.39 4.97 -23.52
C LYS A 189 -31.40 3.92 -23.11
N ALA A 190 -31.77 3.02 -24.03
CA ALA A 190 -32.70 1.95 -23.69
C ALA A 190 -32.17 1.08 -22.56
N GLY A 191 -30.90 0.68 -22.65
CA GLY A 191 -30.34 -0.25 -21.67
C GLY A 191 -30.19 0.37 -20.30
N LEU A 192 -29.68 1.60 -20.22
CA LEU A 192 -29.57 2.26 -18.92
C LEU A 192 -30.95 2.54 -18.35
N THR A 193 -31.91 2.90 -19.22
CA THR A 193 -33.27 3.11 -18.74
C THR A 193 -33.81 1.85 -18.07
N PHE A 194 -33.66 0.69 -18.72
CA PHE A 194 -34.12 -0.56 -18.12
C PHE A 194 -33.42 -0.83 -16.79
N LEU A 195 -32.13 -0.48 -16.69
CA LEU A 195 -31.39 -0.66 -15.45
C LEU A 195 -31.91 0.29 -14.36
N VAL A 196 -32.12 1.56 -14.70
CA VAL A 196 -32.64 2.51 -13.71
C VAL A 196 -34.04 2.10 -13.25
N ASP A 197 -34.86 1.61 -14.19
CA ASP A 197 -36.19 1.15 -13.79
C ASP A 197 -36.09 -0.03 -12.82
N LEU A 198 -35.08 -0.89 -12.99
CA LEU A 198 -34.91 -1.98 -12.03
C LEU A 198 -34.67 -1.42 -10.62
N ILE A 199 -33.98 -0.29 -10.52
CA ILE A 199 -33.71 0.33 -9.23
C ILE A 199 -34.96 1.04 -8.71
N LYS A 200 -35.62 1.80 -9.58
CA LYS A 200 -36.84 2.50 -9.16
C LYS A 200 -37.92 1.52 -8.69
N ASN A 201 -38.00 0.35 -9.32
CA ASN A 201 -38.98 -0.65 -8.91
C ASN A 201 -38.48 -1.54 -7.77
N LYS A 202 -37.36 -1.18 -7.13
CA LYS A 202 -36.81 -1.88 -5.96
C LYS A 202 -36.37 -3.30 -6.27
N HIS A 203 -36.15 -3.64 -7.54
CA HIS A 203 -35.60 -4.95 -7.85
C HIS A 203 -34.10 -4.99 -7.66
N MET A 204 -33.41 -3.86 -7.80
CA MET A 204 -32.02 -3.74 -7.37
C MET A 204 -31.87 -2.47 -6.54
N ASN A 205 -30.71 -2.35 -5.89
CA ASN A 205 -30.38 -1.20 -5.05
C ASN A 205 -29.20 -0.44 -5.65
N ALA A 206 -29.34 0.89 -5.78
CA ALA A 206 -28.29 1.70 -6.42
C ALA A 206 -26.96 1.64 -5.68
N ASP A 207 -26.95 1.25 -4.41
CA ASP A 207 -25.72 1.16 -3.64
C ASP A 207 -24.99 -0.16 -3.80
N THR A 208 -25.56 -1.13 -4.52
CA THR A 208 -24.96 -2.46 -4.54
C THR A 208 -23.62 -2.42 -5.24
N ASP A 209 -22.61 -3.00 -4.59
CA ASP A 209 -21.27 -2.99 -5.16
C ASP A 209 -20.74 -4.42 -5.25
N TYR A 210 -19.45 -4.58 -5.51
CA TYR A 210 -18.90 -5.91 -5.73
C TYR A 210 -18.97 -6.76 -4.45
N SER A 211 -18.56 -6.20 -3.31
CA SER A 211 -18.53 -7.02 -2.11
C SER A 211 -19.93 -7.34 -1.63
N ILE A 212 -20.88 -6.40 -1.78
CA ILE A 212 -22.25 -6.67 -1.36
C ILE A 212 -22.88 -7.77 -2.22
N ALA A 213 -22.71 -7.71 -3.54
CA ALA A 213 -23.28 -8.75 -4.39
C ALA A 213 -22.58 -10.09 -4.17
N GLU A 214 -21.26 -10.10 -4.02
CA GLU A 214 -20.56 -11.36 -3.80
C GLU A 214 -21.03 -12.04 -2.53
N ALA A 215 -21.15 -11.27 -1.45
CA ALA A 215 -21.52 -11.85 -0.17
C ALA A 215 -22.94 -12.41 -0.23
N ALA A 216 -23.86 -11.68 -0.86
CA ALA A 216 -25.25 -12.14 -0.97
C ALA A 216 -25.36 -13.40 -1.83
N PHE A 217 -24.64 -13.46 -2.96
CA PHE A 217 -24.72 -14.67 -3.77
C PHE A 217 -24.10 -15.85 -3.05
N ASN A 218 -22.93 -15.65 -2.43
CA ASN A 218 -22.20 -16.77 -1.87
C ASN A 218 -22.83 -17.25 -0.55
N LYS A 219 -23.74 -16.49 0.02
CA LYS A 219 -24.51 -16.93 1.17
C LYS A 219 -25.91 -17.44 0.80
N GLY A 220 -26.26 -17.43 -0.48
CA GLY A 220 -27.55 -17.95 -0.90
C GLY A 220 -28.72 -16.99 -0.78
N GLU A 221 -28.47 -15.70 -0.66
CA GLU A 221 -29.55 -14.74 -0.50
C GLU A 221 -30.08 -14.19 -1.81
N THR A 222 -29.33 -14.33 -2.90
CA THR A 222 -29.79 -13.88 -4.20
C THR A 222 -29.61 -15.01 -5.20
N ALA A 223 -30.51 -15.06 -6.18
CA ALA A 223 -30.52 -16.20 -7.11
C ALA A 223 -29.48 -16.07 -8.22
N MET A 224 -29.06 -14.86 -8.54
CA MET A 224 -28.15 -14.64 -9.66
C MET A 224 -27.17 -13.53 -9.30
N THR A 225 -25.99 -13.60 -9.92
CA THR A 225 -25.06 -12.47 -9.95
C THR A 225 -24.42 -12.41 -11.32
N ILE A 226 -23.69 -11.34 -11.56
CA ILE A 226 -22.92 -11.17 -12.79
C ILE A 226 -21.47 -10.98 -12.40
N ASN A 227 -20.62 -11.88 -12.89
CA ASN A 227 -19.23 -11.84 -12.44
C ASN A 227 -18.39 -12.68 -13.39
N GLY A 228 -17.08 -12.60 -13.21
CA GLY A 228 -16.16 -13.25 -14.13
C GLY A 228 -15.53 -14.47 -13.53
N PRO A 229 -14.68 -15.14 -14.31
CA PRO A 229 -14.06 -16.40 -13.84
C PRO A 229 -13.22 -16.22 -12.60
N TRP A 230 -12.65 -15.03 -12.37
CA TRP A 230 -11.88 -14.78 -11.15
C TRP A 230 -12.69 -14.97 -9.87
N ALA A 231 -14.02 -15.05 -9.97
CA ALA A 231 -14.86 -15.14 -8.79
C ALA A 231 -15.29 -16.56 -8.47
N TRP A 232 -15.08 -17.50 -9.38
CA TRP A 232 -15.65 -18.84 -9.24
C TRP A 232 -15.14 -19.54 -8.00
N SER A 233 -13.85 -19.37 -7.67
CA SER A 233 -13.27 -20.23 -6.63
C SER A 233 -13.77 -19.83 -5.25
N ASN A 234 -14.20 -18.57 -5.06
CA ASN A 234 -14.91 -18.22 -3.83
C ASN A 234 -16.29 -18.85 -3.77
N ILE A 235 -16.97 -18.99 -4.91
CA ILE A 235 -18.24 -19.71 -4.92
C ILE A 235 -18.02 -21.18 -4.60
N ASP A 236 -16.97 -21.80 -5.18
CA ASP A 236 -16.63 -23.17 -4.82
C ASP A 236 -16.48 -23.34 -3.32
N THR A 237 -15.81 -22.39 -2.67
CA THR A 237 -15.62 -22.45 -1.23
C THR A 237 -16.95 -22.37 -0.49
N SER A 238 -17.90 -21.57 -1.01
CA SER A 238 -19.13 -21.31 -0.28
C SER A 238 -20.13 -22.46 -0.34
N LYS A 239 -19.93 -23.45 -1.23
CA LYS A 239 -20.77 -24.62 -1.43
C LYS A 239 -22.16 -24.27 -1.96
N VAL A 240 -22.36 -23.06 -2.47
CA VAL A 240 -23.52 -22.78 -3.29
C VAL A 240 -23.43 -23.67 -4.53
N ASN A 241 -24.55 -24.33 -4.84
CA ASN A 241 -24.68 -25.16 -6.04
C ASN A 241 -24.98 -24.21 -7.20
N TYR A 242 -23.94 -23.78 -7.91
CA TYR A 242 -24.11 -22.74 -8.91
C TYR A 242 -23.88 -23.26 -10.32
N GLY A 243 -24.41 -22.49 -11.28
CA GLY A 243 -24.11 -22.69 -12.68
C GLY A 243 -23.63 -21.37 -13.27
N VAL A 244 -23.12 -21.44 -14.50
CA VAL A 244 -22.62 -20.27 -15.21
C VAL A 244 -23.14 -20.35 -16.63
N THR A 245 -23.73 -19.27 -17.13
CA THR A 245 -24.43 -19.38 -18.39
C THR A 245 -24.32 -18.07 -19.15
N VAL A 246 -24.89 -18.06 -20.36
CA VAL A 246 -24.90 -16.86 -21.18
C VAL A 246 -25.73 -15.78 -20.51
N LEU A 247 -25.31 -14.53 -20.66
CA LEU A 247 -26.03 -13.42 -20.07
C LEU A 247 -27.41 -13.28 -20.72
N PRO A 248 -28.38 -12.70 -20.00
CA PRO A 248 -29.72 -12.52 -20.59
C PRO A 248 -29.68 -11.56 -21.78
N THR A 249 -30.58 -11.79 -22.73
CA THR A 249 -30.73 -10.84 -23.82
C THR A 249 -31.53 -9.64 -23.36
N PHE A 250 -31.39 -8.54 -24.09
CA PHE A 250 -32.20 -7.35 -23.89
C PHE A 250 -32.78 -6.90 -25.23
N LYS A 251 -34.10 -6.77 -25.29
CA LYS A 251 -34.80 -6.50 -26.55
C LYS A 251 -34.37 -7.48 -27.64
N GLY A 252 -34.19 -8.74 -27.25
CA GLY A 252 -33.77 -9.82 -28.14
C GLY A 252 -32.31 -9.84 -28.52
N GLN A 253 -31.54 -8.92 -28.08
CA GLN A 253 -30.13 -8.77 -28.37
C GLN A 253 -29.27 -9.28 -27.23
N PRO A 254 -28.17 -9.97 -27.52
CA PRO A 254 -27.29 -10.45 -26.45
C PRO A 254 -26.68 -9.30 -25.67
N SER A 255 -26.50 -9.51 -24.36
CA SER A 255 -25.66 -8.62 -23.58
C SER A 255 -24.25 -8.67 -24.15
N LYS A 256 -23.56 -7.53 -24.10
CA LYS A 256 -22.24 -7.36 -24.72
C LYS A 256 -21.21 -6.99 -23.65
N PRO A 257 -20.68 -7.97 -22.91
CA PRO A 257 -19.65 -7.65 -21.92
C PRO A 257 -18.35 -7.32 -22.61
N PHE A 258 -17.56 -6.45 -21.97
CA PHE A 258 -16.21 -6.20 -22.44
C PHE A 258 -15.37 -7.48 -22.37
N VAL A 259 -14.49 -7.66 -23.35
CA VAL A 259 -13.67 -8.86 -23.46
C VAL A 259 -12.22 -8.49 -23.21
N GLY A 260 -11.57 -9.25 -22.35
CA GLY A 260 -10.13 -9.16 -22.14
C GLY A 260 -9.44 -10.38 -22.73
N VAL A 261 -8.35 -10.13 -23.45
CA VAL A 261 -7.62 -11.18 -24.15
C VAL A 261 -6.19 -11.21 -23.64
N LEU A 262 -5.85 -12.23 -22.85
CA LEU A 262 -4.45 -12.46 -22.49
C LEU A 262 -3.64 -12.71 -23.76
N SER A 263 -2.61 -11.91 -23.97
CA SER A 263 -1.89 -11.87 -25.24
C SER A 263 -0.39 -11.95 -24.98
N ALA A 264 0.36 -12.37 -26.00
CA ALA A 264 1.81 -12.51 -25.94
C ALA A 264 2.43 -11.59 -26.99
N GLY A 265 3.19 -10.61 -26.54
CA GLY A 265 3.83 -9.65 -27.42
C GLY A 265 5.33 -9.85 -27.44
N ILE A 266 5.96 -9.46 -28.55
CA ILE A 266 7.40 -9.64 -28.75
C ILE A 266 8.08 -8.29 -28.67
N ASN A 267 9.05 -8.19 -27.77
CA ASN A 267 9.82 -6.97 -27.55
C ASN A 267 10.45 -6.51 -28.86
N ALA A 268 10.18 -5.26 -29.26
CA ALA A 268 10.72 -4.73 -30.51
C ALA A 268 12.25 -4.76 -30.54
N ALA A 269 12.91 -4.69 -29.39
CA ALA A 269 14.36 -4.70 -29.30
C ALA A 269 14.95 -6.10 -29.16
N SER A 270 14.13 -7.13 -29.23
CA SER A 270 14.65 -8.49 -29.14
C SER A 270 15.45 -8.86 -30.39
N PRO A 271 16.62 -9.49 -30.25
CA PRO A 271 17.30 -10.08 -31.39
C PRO A 271 16.85 -11.51 -31.67
N ASN A 272 15.88 -12.02 -30.89
CA ASN A 272 15.41 -13.40 -30.97
C ASN A 272 14.00 -13.48 -31.54
N LYS A 273 13.62 -12.53 -32.42
CA LYS A 273 12.23 -12.44 -32.85
C LYS A 273 11.78 -13.70 -33.59
N GLU A 274 12.65 -14.29 -34.40
CA GLU A 274 12.25 -15.50 -35.12
C GLU A 274 12.13 -16.69 -34.17
N LEU A 275 12.91 -16.71 -33.09
CA LEU A 275 12.77 -17.75 -32.06
C LEU A 275 11.47 -17.59 -31.28
N ALA A 276 11.14 -16.35 -30.91
CA ALA A 276 9.92 -16.09 -30.18
C ALA A 276 8.72 -16.49 -31.02
N LYS A 277 8.78 -16.26 -32.33
CA LYS A 277 7.70 -16.65 -33.21
C LYS A 277 7.53 -18.16 -33.21
N GLU A 278 8.64 -18.91 -33.26
CA GLU A 278 8.54 -20.37 -33.30
C GLU A 278 8.02 -20.90 -31.97
N PHE A 279 8.52 -20.37 -30.86
CA PHE A 279 8.04 -20.79 -29.55
C PHE A 279 6.53 -20.62 -29.43
N LEU A 280 6.02 -19.43 -29.78
CA LEU A 280 4.60 -19.12 -29.59
C LEU A 280 3.73 -19.89 -30.56
N GLU A 281 4.09 -19.88 -31.85
CA GLU A 281 3.22 -20.49 -32.85
C GLU A 281 3.27 -22.01 -32.80
N ASN A 282 4.45 -22.59 -32.57
CA ASN A 282 4.59 -24.03 -32.71
C ASN A 282 4.76 -24.78 -31.40
N TYR A 283 4.93 -24.09 -30.27
CA TYR A 283 5.07 -24.77 -28.99
C TYR A 283 3.98 -24.37 -28.00
N LEU A 284 3.75 -23.07 -27.81
CA LEU A 284 2.74 -22.65 -26.85
C LEU A 284 1.34 -22.77 -27.42
N LEU A 285 1.09 -22.23 -28.61
CA LEU A 285 -0.27 -22.19 -29.15
C LEU A 285 -0.59 -23.51 -29.85
N THR A 286 -0.44 -24.58 -29.07
CA THR A 286 -0.81 -25.94 -29.46
C THR A 286 -1.64 -26.55 -28.33
N ASP A 287 -2.35 -27.63 -28.63
CA ASP A 287 -3.10 -28.31 -27.57
C ASP A 287 -2.19 -28.69 -26.42
N GLU A 288 -0.98 -29.19 -26.72
CA GLU A 288 -0.11 -29.66 -25.65
C GLU A 288 0.49 -28.49 -24.86
N GLY A 289 0.78 -27.38 -25.55
CA GLY A 289 1.32 -26.22 -24.85
C GLY A 289 0.31 -25.56 -23.93
N LEU A 290 -0.90 -25.30 -24.44
CA LEU A 290 -1.89 -24.62 -23.63
C LEU A 290 -2.29 -25.48 -22.44
N GLU A 291 -2.39 -26.80 -22.65
CA GLU A 291 -2.69 -27.71 -21.54
C GLU A 291 -1.64 -27.64 -20.44
N ALA A 292 -0.36 -27.60 -20.81
CA ALA A 292 0.67 -27.51 -19.78
C ALA A 292 0.48 -26.26 -18.95
N VAL A 293 0.17 -25.12 -19.59
CA VAL A 293 -0.08 -23.89 -18.86
C VAL A 293 -1.35 -24.01 -18.02
N ASN A 294 -2.41 -24.55 -18.62
CA ASN A 294 -3.73 -24.61 -17.99
C ASN A 294 -3.71 -25.52 -16.77
N LYS A 295 -3.00 -26.65 -16.87
CA LYS A 295 -2.93 -27.58 -15.74
C LYS A 295 -2.26 -26.95 -14.53
N ASP A 296 -1.32 -26.01 -14.76
CA ASP A 296 -0.71 -25.29 -13.64
C ASP A 296 -1.69 -24.31 -13.02
N LYS A 297 -2.14 -23.30 -13.79
CA LYS A 297 -3.23 -22.41 -13.38
C LYS A 297 -4.19 -22.27 -14.56
N PRO A 298 -5.50 -22.48 -14.35
CA PRO A 298 -6.44 -22.49 -15.48
C PRO A 298 -6.42 -21.18 -16.24
N LEU A 299 -6.41 -21.30 -17.56
CA LEU A 299 -6.43 -20.12 -18.43
C LEU A 299 -7.83 -19.56 -18.61
N GLY A 300 -8.86 -20.31 -18.27
CA GLY A 300 -10.21 -19.96 -18.69
C GLY A 300 -10.44 -20.44 -20.11
N ALA A 301 -11.23 -19.70 -20.89
CA ALA A 301 -11.41 -19.96 -22.31
C ALA A 301 -10.20 -19.48 -23.09
N VAL A 302 -9.78 -20.26 -24.08
CA VAL A 302 -8.56 -20.00 -24.83
C VAL A 302 -8.90 -19.66 -26.28
N ALA A 303 -8.00 -18.91 -26.92
CA ALA A 303 -8.25 -18.48 -28.29
C ALA A 303 -8.05 -19.59 -29.30
N LEU A 304 -7.34 -20.67 -28.95
CA LEU A 304 -7.04 -21.76 -29.89
C LEU A 304 -8.25 -22.67 -30.01
N LYS A 305 -8.85 -22.71 -31.20
CA LYS A 305 -10.11 -23.43 -31.39
C LYS A 305 -10.03 -24.87 -30.91
N SER A 306 -8.98 -25.58 -31.31
CA SER A 306 -8.92 -27.01 -31.04
C SER A 306 -8.88 -27.30 -29.54
N TYR A 307 -8.16 -26.48 -28.77
CA TYR A 307 -8.11 -26.77 -27.34
C TYR A 307 -9.30 -26.17 -26.58
N GLU A 308 -9.90 -25.09 -27.08
CA GLU A 308 -11.10 -24.56 -26.43
C GLU A 308 -12.25 -25.55 -26.53
N GLU A 309 -12.33 -26.26 -27.65
CA GLU A 309 -13.36 -27.30 -27.79
C GLU A 309 -13.24 -28.35 -26.70
N GLU A 310 -12.02 -28.62 -26.23
CA GLU A 310 -11.84 -29.54 -25.12
C GLU A 310 -12.22 -28.91 -23.79
N LEU A 311 -11.74 -27.68 -23.53
CA LEU A 311 -12.05 -27.06 -22.24
C LEU A 311 -13.54 -26.78 -22.08
N ALA A 312 -14.25 -26.52 -23.19
CA ALA A 312 -15.67 -26.18 -23.14
C ALA A 312 -16.56 -27.36 -22.80
N LYS A 313 -15.97 -28.55 -22.59
CA LYS A 313 -16.71 -29.60 -21.90
C LYS A 313 -17.13 -29.16 -20.50
N ASP A 314 -16.40 -28.20 -19.90
CA ASP A 314 -16.84 -27.50 -18.70
C ASP A 314 -17.80 -26.39 -19.14
N PRO A 315 -19.09 -26.50 -18.81
CA PRO A 315 -20.05 -25.47 -19.29
C PRO A 315 -19.75 -24.06 -18.77
N ARG A 316 -19.07 -23.92 -17.63
CA ARG A 316 -18.67 -22.59 -17.18
C ARG A 316 -17.76 -21.93 -18.20
N ILE A 317 -16.80 -22.69 -18.73
CA ILE A 317 -15.87 -22.15 -19.72
C ILE A 317 -16.59 -21.90 -21.05
N ALA A 318 -17.50 -22.81 -21.43
CA ALA A 318 -18.31 -22.58 -22.64
C ALA A 318 -19.13 -21.31 -22.50
N ALA A 319 -19.65 -21.05 -21.30
CA ALA A 319 -20.39 -19.81 -21.05
C ALA A 319 -19.48 -18.60 -21.23
N THR A 320 -18.27 -18.67 -20.65
CA THR A 320 -17.33 -17.56 -20.79
C THR A 320 -17.07 -17.25 -22.26
N MET A 321 -16.76 -18.30 -23.04
CA MET A 321 -16.48 -18.06 -24.46
C MET A 321 -17.71 -17.54 -25.20
N GLU A 322 -18.89 -18.07 -24.87
CA GLU A 322 -20.11 -17.62 -25.56
C GLU A 322 -20.41 -16.15 -25.28
N ASN A 323 -20.32 -15.72 -24.02
CA ASN A 323 -20.49 -14.30 -23.73
C ASN A 323 -19.39 -13.46 -24.37
N ALA A 324 -18.17 -14.01 -24.47
CA ALA A 324 -17.08 -13.24 -25.08
C ALA A 324 -17.30 -13.07 -26.58
N GLN A 325 -17.77 -14.12 -27.26
CA GLN A 325 -18.02 -14.00 -28.68
C GLN A 325 -19.13 -12.99 -28.96
N LYS A 326 -20.06 -12.83 -28.02
CA LYS A 326 -21.15 -11.86 -28.16
C LYS A 326 -20.80 -10.48 -27.61
N GLY A 327 -19.64 -10.31 -26.98
CA GLY A 327 -19.31 -9.08 -26.30
C GLY A 327 -18.51 -8.12 -27.16
N GLU A 328 -17.95 -7.12 -26.49
CA GLU A 328 -17.22 -6.03 -27.12
C GLU A 328 -15.77 -6.11 -26.67
N ILE A 329 -14.85 -6.30 -27.63
CA ILE A 329 -13.42 -6.28 -27.32
C ILE A 329 -13.10 -4.98 -26.63
N MET A 330 -12.36 -5.05 -25.52
CA MET A 330 -12.01 -3.83 -24.80
C MET A 330 -11.03 -3.02 -25.64
N PRO A 331 -11.34 -1.77 -25.97
CA PRO A 331 -10.42 -0.99 -26.82
C PRO A 331 -9.08 -0.76 -26.13
N ASN A 332 -8.00 -0.92 -26.91
CA ASN A 332 -6.64 -0.78 -26.39
C ASN A 332 -6.09 0.64 -26.50
N ILE A 333 -6.95 1.66 -26.47
CA ILE A 333 -6.48 3.03 -26.73
C ILE A 333 -6.55 3.86 -25.46
N PRO A 334 -5.69 4.87 -25.32
CA PRO A 334 -5.67 5.69 -24.09
C PRO A 334 -6.95 6.44 -23.81
N GLN A 335 -7.79 6.70 -24.81
CA GLN A 335 -9.03 7.42 -24.59
C GLN A 335 -10.07 6.60 -23.82
N MET A 336 -9.85 5.29 -23.64
CA MET A 336 -10.72 4.50 -22.78
C MET A 336 -10.79 5.08 -21.37
N SER A 337 -9.70 5.72 -20.92
CA SER A 337 -9.70 6.26 -19.57
C SER A 337 -10.80 7.31 -19.38
N ALA A 338 -11.01 8.17 -20.38
CA ALA A 338 -12.12 9.11 -20.31
C ALA A 338 -13.46 8.37 -20.33
N PHE A 339 -13.53 7.27 -21.08
CA PHE A 339 -14.75 6.46 -21.12
C PHE A 339 -15.12 5.95 -19.72
N TRP A 340 -14.14 5.42 -18.98
CA TRP A 340 -14.43 4.85 -17.67
C TRP A 340 -14.98 5.92 -16.71
N TYR A 341 -14.25 7.03 -16.56
CA TYR A 341 -14.70 8.12 -15.68
C TYR A 341 -16.08 8.64 -16.11
N ALA A 342 -16.29 8.85 -17.41
CA ALA A 342 -17.54 9.47 -17.86
C ALA A 342 -18.73 8.54 -17.65
N VAL A 343 -18.63 7.28 -18.13
CA VAL A 343 -19.74 6.35 -17.98
C VAL A 343 -20.00 6.04 -16.51
N ARG A 344 -18.94 6.04 -15.69
CA ARG A 344 -19.12 5.80 -14.26
C ARG A 344 -20.04 6.86 -13.65
N THR A 345 -19.75 8.13 -13.94
CA THR A 345 -20.61 9.20 -13.43
C THR A 345 -22.02 9.10 -14.00
N ALA A 346 -22.12 8.77 -15.29
CA ALA A 346 -23.44 8.71 -15.91
C ALA A 346 -24.35 7.73 -15.19
N VAL A 347 -23.85 6.53 -14.91
CA VAL A 347 -24.68 5.50 -14.29
C VAL A 347 -25.04 5.88 -12.86
N ILE A 348 -24.07 6.40 -12.09
CA ILE A 348 -24.37 6.82 -10.72
C ILE A 348 -25.45 7.89 -10.71
N ASN A 349 -25.31 8.89 -11.58
CA ASN A 349 -26.26 9.99 -11.60
C ASN A 349 -27.64 9.53 -12.07
N ALA A 350 -27.69 8.69 -13.11
CA ALA A 350 -28.97 8.18 -13.57
C ALA A 350 -29.65 7.30 -12.53
N ALA A 351 -28.87 6.43 -11.86
CA ALA A 351 -29.44 5.49 -10.90
C ALA A 351 -29.83 6.15 -9.58
N SER A 352 -29.16 7.23 -9.19
CA SER A 352 -29.51 7.95 -7.98
C SER A 352 -30.67 8.90 -8.19
N GLY A 353 -30.94 9.32 -9.42
CA GLY A 353 -31.97 10.29 -9.73
C GLY A 353 -31.49 11.70 -9.95
N ARG A 354 -30.20 11.98 -9.77
CA ARG A 354 -29.70 13.34 -9.97
C ARG A 354 -29.93 13.82 -11.40
N GLN A 355 -29.79 12.94 -12.38
CA GLN A 355 -29.93 13.28 -13.78
C GLN A 355 -30.84 12.25 -14.45
N THR A 356 -31.49 12.67 -15.53
CA THR A 356 -32.21 11.68 -16.31
C THR A 356 -31.21 10.85 -17.12
N VAL A 357 -31.66 9.66 -17.51
CA VAL A 357 -30.85 8.82 -18.39
C VAL A 357 -30.34 9.65 -19.57
N ASP A 358 -31.24 10.38 -20.22
CA ASP A 358 -30.87 11.18 -21.39
C ASP A 358 -29.82 12.23 -21.04
N GLU A 359 -30.01 12.98 -19.95
CA GLU A 359 -29.04 14.00 -19.60
C GLU A 359 -27.68 13.39 -19.24
N ALA A 360 -27.69 12.25 -18.54
CA ALA A 360 -26.46 11.68 -17.99
C ALA A 360 -25.57 11.12 -19.09
N LEU A 361 -26.16 10.38 -20.04
CA LEU A 361 -25.39 9.82 -21.14
C LEU A 361 -24.93 10.90 -22.10
N LYS A 362 -25.75 11.94 -22.31
CA LYS A 362 -25.34 13.04 -23.18
C LYS A 362 -24.14 13.78 -22.60
N ASP A 363 -24.11 14.01 -21.27
CA ASP A 363 -22.93 14.64 -20.67
C ASP A 363 -21.70 13.76 -20.79
N ALA A 364 -21.86 12.43 -20.65
CA ALA A 364 -20.72 11.53 -20.76
C ALA A 364 -20.14 11.51 -22.18
N GLN A 365 -21.01 11.51 -23.19
CA GLN A 365 -20.52 11.47 -24.57
C GLN A 365 -19.67 12.70 -24.88
N THR A 366 -20.03 13.85 -24.33
CA THR A 366 -19.30 15.10 -24.58
C THR A 366 -17.83 15.03 -24.17
N VAL B 2 -15.63 -16.60 9.86
CA VAL B 2 -14.32 -16.07 9.49
C VAL B 2 -13.46 -15.73 10.72
N GLN B 3 -12.25 -16.28 10.84
CA GLN B 3 -11.42 -15.78 11.92
C GLN B 3 -9.94 -15.96 11.64
N LEU B 4 -9.15 -15.17 12.36
CA LEU B 4 -7.71 -15.07 12.22
C LEU B 4 -7.11 -15.16 13.62
N VAL B 5 -6.13 -16.03 13.80
CA VAL B 5 -5.54 -16.26 15.13
C VAL B 5 -4.04 -16.08 15.02
N GLU B 6 -3.51 -15.03 15.63
CA GLU B 6 -2.06 -14.84 15.65
C GLU B 6 -1.43 -15.64 16.79
N SER B 7 -0.17 -16.01 16.58
CA SER B 7 0.63 -16.63 17.63
C SER B 7 2.09 -16.37 17.30
N GLY B 8 2.95 -16.65 18.27
CA GLY B 8 4.38 -16.52 18.10
C GLY B 8 4.99 -15.36 18.86
N GLY B 9 4.18 -14.50 19.49
CA GLY B 9 4.73 -13.36 20.19
C GLY B 9 5.41 -13.74 21.49
N GLY B 10 6.18 -12.80 22.01
CA GLY B 10 6.92 -13.05 23.24
C GLY B 10 8.01 -12.02 23.40
N LEU B 11 8.86 -12.26 24.40
CA LEU B 11 9.91 -11.35 24.80
C LEU B 11 11.19 -11.75 24.11
N VAL B 12 11.88 -10.78 23.50
CA VAL B 12 13.05 -11.06 22.65
C VAL B 12 14.12 -10.00 22.93
N GLN B 13 15.37 -10.42 22.86
CA GLN B 13 16.53 -9.59 23.09
C GLN B 13 16.80 -8.69 21.89
N PRO B 14 17.34 -7.48 22.11
CA PRO B 14 17.64 -6.60 20.98
C PRO B 14 18.55 -7.30 19.98
N GLY B 15 18.20 -7.20 18.70
CA GLY B 15 18.91 -7.90 17.65
C GLY B 15 18.46 -9.32 17.40
N GLY B 16 17.54 -9.84 18.20
CA GLY B 16 17.05 -11.20 18.01
C GLY B 16 16.02 -11.33 16.90
N SER B 17 15.50 -12.56 16.77
CA SER B 17 14.57 -12.98 15.74
C SER B 17 13.32 -13.58 16.36
N LEU B 18 12.25 -13.58 15.57
CA LEU B 18 10.97 -14.12 15.99
C LEU B 18 10.15 -14.41 14.74
N ARG B 19 9.36 -15.49 14.79
CA ARG B 19 8.50 -15.87 13.68
C ARG B 19 7.06 -15.90 14.15
N LEU B 20 6.20 -15.12 13.51
CA LEU B 20 4.79 -15.05 13.84
C LEU B 20 3.97 -15.83 12.82
N SER B 21 2.85 -16.40 13.29
CA SER B 21 1.89 -17.12 12.47
C SER B 21 0.53 -16.49 12.59
N CYS B 22 -0.30 -16.72 11.56
CA CYS B 22 -1.67 -16.22 11.50
C CYS B 22 -2.49 -17.36 10.87
N ALA B 23 -3.21 -18.11 11.70
CA ALA B 23 -4.01 -19.23 11.23
C ALA B 23 -5.39 -18.71 10.87
N ALA B 24 -5.81 -18.92 9.63
CA ALA B 24 -7.06 -18.38 9.13
C ALA B 24 -8.09 -19.49 8.90
N SER B 25 -9.36 -19.10 8.88
CA SER B 25 -10.44 -20.03 8.58
C SER B 25 -11.69 -19.23 8.21
N GLY B 26 -12.59 -19.89 7.48
CA GLY B 26 -13.86 -19.29 7.10
C GLY B 26 -13.85 -18.52 5.80
N PHE B 27 -12.74 -18.48 5.07
CA PHE B 27 -12.74 -17.86 3.75
C PHE B 27 -11.76 -18.60 2.85
N ASN B 28 -11.90 -18.36 1.55
CA ASN B 28 -11.01 -18.92 0.54
C ASN B 28 -9.64 -18.25 0.68
N PHE B 29 -8.71 -18.94 1.32
CA PHE B 29 -7.37 -18.39 1.55
C PHE B 29 -6.68 -18.12 0.22
N SER B 30 -6.81 -19.04 -0.75
CA SER B 30 -6.08 -18.95 -2.01
C SER B 30 -6.37 -17.67 -2.79
N SER B 31 -7.52 -17.03 -2.57
CA SER B 31 -7.85 -15.82 -3.32
C SER B 31 -7.73 -14.57 -2.47
N SER B 32 -7.15 -14.66 -1.29
CA SER B 32 -7.11 -13.54 -0.37
C SER B 32 -5.74 -12.88 -0.36
N SER B 33 -5.69 -11.73 0.32
CA SER B 33 -4.44 -11.08 0.71
C SER B 33 -4.42 -11.01 2.22
N ILE B 34 -3.25 -11.28 2.80
CA ILE B 34 -3.04 -11.24 4.25
C ILE B 34 -2.08 -10.09 4.53
N HIS B 35 -2.43 -9.27 5.53
CA HIS B 35 -1.65 -8.10 5.92
C HIS B 35 -1.28 -8.19 7.38
N TRP B 36 -0.08 -7.72 7.71
CA TRP B 36 0.36 -7.58 9.08
C TRP B 36 0.39 -6.09 9.40
N VAL B 37 -0.23 -5.72 10.51
CA VAL B 37 -0.30 -4.33 10.95
C VAL B 37 0.11 -4.33 12.43
N ARG B 38 0.96 -3.39 12.82
CA ARG B 38 1.42 -3.42 14.20
C ARG B 38 1.08 -2.10 14.90
N GLN B 39 1.14 -2.13 16.24
CA GLN B 39 0.81 -0.95 17.04
C GLN B 39 1.73 -0.89 18.25
N ALA B 40 2.64 0.07 18.25
CA ALA B 40 3.56 0.19 19.36
C ALA B 40 2.80 0.78 20.56
N PRO B 41 3.26 0.48 21.79
CA PRO B 41 2.55 0.97 22.99
C PRO B 41 2.18 2.44 22.91
N GLY B 42 0.89 2.74 23.06
CA GLY B 42 0.43 4.12 23.05
C GLY B 42 0.51 4.85 21.74
N LYS B 43 0.77 4.17 20.62
CA LYS B 43 0.94 4.83 19.32
C LYS B 43 -0.10 4.32 18.32
N GLY B 44 0.04 4.77 17.07
CA GLY B 44 -0.95 4.46 16.04
C GLY B 44 -0.66 3.16 15.28
N LEU B 45 -1.61 2.80 14.42
CA LEU B 45 -1.44 1.63 13.57
C LEU B 45 -0.35 1.88 12.53
N GLU B 46 0.50 0.87 12.33
CA GLU B 46 1.51 0.91 11.29
C GLU B 46 1.43 -0.35 10.45
N TRP B 47 1.13 -0.18 9.15
CA TRP B 47 1.12 -1.30 8.21
C TRP B 47 2.55 -1.75 7.97
N VAL B 48 2.76 -3.07 7.94
CA VAL B 48 4.09 -3.63 7.93
C VAL B 48 4.37 -4.51 6.71
N ALA B 49 3.44 -5.37 6.30
CA ALA B 49 3.71 -6.25 5.17
C ALA B 49 2.41 -6.87 4.66
N SER B 50 2.45 -7.41 3.42
CA SER B 50 1.28 -8.08 2.88
C SER B 50 1.73 -9.12 1.86
N ILE B 51 0.88 -10.13 1.68
CA ILE B 51 1.11 -11.18 0.69
C ILE B 51 -0.21 -11.48 0.00
N SER B 52 -0.16 -11.59 -1.33
CA SER B 52 -1.27 -12.04 -2.15
C SER B 52 -1.10 -13.53 -2.39
N SER B 53 -2.10 -14.32 -1.99
CA SER B 53 -1.97 -15.77 -2.17
C SER B 53 -2.02 -16.15 -3.65
N SER B 54 -2.86 -15.50 -4.45
CA SER B 54 -3.02 -15.94 -5.84
C SER B 54 -1.79 -15.60 -6.67
N SER B 55 -1.18 -14.44 -6.45
CA SER B 55 -0.04 -14.04 -7.26
C SER B 55 1.30 -14.31 -6.59
N GLY B 56 1.33 -14.53 -5.28
CA GLY B 56 2.56 -14.70 -4.53
C GLY B 56 3.30 -13.42 -4.23
N SER B 57 2.78 -12.27 -4.64
CA SER B 57 3.50 -11.02 -4.50
C SER B 57 3.47 -10.54 -3.06
N THR B 58 4.60 -10.00 -2.61
CA THR B 58 4.77 -9.52 -1.25
C THR B 58 5.17 -8.04 -1.30
N SER B 59 4.81 -7.31 -0.25
CA SER B 59 5.21 -5.91 -0.12
C SER B 59 5.55 -5.66 1.34
N TYR B 60 6.44 -4.68 1.58
CA TYR B 60 6.94 -4.39 2.92
C TYR B 60 7.00 -2.89 3.13
N ALA B 61 6.69 -2.45 4.36
CA ALA B 61 6.94 -1.05 4.71
C ALA B 61 8.43 -0.75 4.67
N ASP B 62 8.78 0.48 4.25
CA ASP B 62 10.17 0.92 4.31
C ASP B 62 10.77 0.70 5.70
N SER B 63 9.96 0.78 6.76
CA SER B 63 10.49 0.67 8.12
C SER B 63 10.96 -0.75 8.46
N VAL B 64 10.54 -1.77 7.71
CA VAL B 64 10.94 -3.15 7.99
C VAL B 64 11.64 -3.80 6.82
N LYS B 65 11.73 -3.12 5.69
CA LYS B 65 12.33 -3.68 4.49
C LYS B 65 13.70 -4.25 4.80
N GLY B 66 13.99 -5.42 4.22
CA GLY B 66 15.26 -6.07 4.45
C GLY B 66 15.37 -6.88 5.71
N ARG B 67 14.46 -6.69 6.68
CA ARG B 67 14.48 -7.44 7.94
C ARG B 67 13.33 -8.42 8.10
N PHE B 68 12.17 -8.13 7.51
CA PHE B 68 11.00 -8.96 7.67
C PHE B 68 10.77 -9.77 6.40
N THR B 69 10.24 -10.99 6.54
CA THR B 69 9.84 -11.80 5.39
C THR B 69 8.46 -12.37 5.67
N ILE B 70 7.51 -12.09 4.77
CA ILE B 70 6.14 -12.57 4.92
C ILE B 70 5.94 -13.73 3.95
N SER B 71 5.24 -14.77 4.40
CA SER B 71 5.06 -15.96 3.59
C SER B 71 3.72 -16.59 3.96
N ALA B 72 3.33 -17.59 3.18
CA ALA B 72 2.04 -18.22 3.41
C ALA B 72 2.06 -19.63 2.86
N ASP B 73 1.45 -20.55 3.62
CA ASP B 73 1.27 -21.94 3.22
C ASP B 73 -0.23 -22.12 2.99
N THR B 74 -0.62 -22.19 1.72
CA THR B 74 -2.04 -22.20 1.37
C THR B 74 -2.73 -23.45 1.90
N SER B 75 -2.01 -24.58 1.93
CA SER B 75 -2.60 -25.82 2.42
C SER B 75 -2.88 -25.77 3.93
N LYS B 76 -2.07 -25.06 4.71
CA LYS B 76 -2.34 -24.85 6.13
C LYS B 76 -3.22 -23.64 6.41
N ASN B 77 -3.64 -22.89 5.37
CA ASN B 77 -4.39 -21.65 5.53
C ASN B 77 -3.72 -20.71 6.54
N THR B 78 -2.39 -20.65 6.48
CA THR B 78 -1.60 -19.92 7.48
C THR B 78 -0.61 -18.99 6.80
N ALA B 79 -0.48 -17.78 7.34
CA ALA B 79 0.53 -16.83 6.91
C ALA B 79 1.55 -16.62 8.02
N TYR B 80 2.74 -16.16 7.63
CA TYR B 80 3.88 -16.06 8.53
C TYR B 80 4.58 -14.72 8.35
N LEU B 81 5.12 -14.20 9.45
CA LEU B 81 6.00 -13.03 9.39
C LEU B 81 7.28 -13.37 10.16
N GLN B 82 8.36 -13.56 9.42
CA GLN B 82 9.69 -13.74 9.97
C GLN B 82 10.33 -12.36 10.18
N MET B 83 10.69 -12.06 11.43
CA MET B 83 11.21 -10.76 11.84
C MET B 83 12.64 -10.91 12.36
N ASN B 84 13.57 -10.13 11.79
CA ASN B 84 14.97 -10.19 12.19
C ASN B 84 15.45 -8.84 12.70
N SER B 85 16.58 -8.86 13.41
CA SER B 85 17.26 -7.66 13.88
C SER B 85 16.30 -6.73 14.62
N LEU B 86 15.54 -7.31 15.54
CA LEU B 86 14.53 -6.54 16.25
C LEU B 86 15.18 -5.56 17.20
N THR B 87 14.59 -4.37 17.30
CA THR B 87 14.99 -3.39 18.28
C THR B 87 13.73 -2.88 18.98
N ALA B 88 13.94 -1.90 19.87
CA ALA B 88 12.84 -1.32 20.62
C ALA B 88 11.81 -0.69 19.69
N GLU B 89 12.25 -0.16 18.54
CA GLU B 89 11.33 0.36 17.54
C GLU B 89 10.33 -0.68 17.04
N ASP B 90 10.61 -1.97 17.24
CA ASP B 90 9.71 -3.04 16.78
C ASP B 90 8.79 -3.56 17.86
N THR B 91 8.91 -3.09 19.11
CA THR B 91 7.99 -3.54 20.16
C THR B 91 6.59 -3.06 19.81
N ALA B 92 5.59 -3.95 19.92
CA ALA B 92 4.24 -3.69 19.43
C ALA B 92 3.36 -4.92 19.54
N VAL B 93 2.05 -4.72 19.50
CA VAL B 93 1.14 -5.81 19.20
C VAL B 93 1.07 -5.95 17.68
N TYR B 94 1.25 -7.18 17.19
CA TYR B 94 1.19 -7.43 15.75
C TYR B 94 -0.15 -8.08 15.42
N TYR B 95 -0.88 -7.44 14.51
CA TYR B 95 -2.16 -7.95 14.02
C TYR B 95 -1.99 -8.50 12.61
N CYS B 96 -2.67 -9.59 12.33
CA CYS B 96 -2.86 -9.98 10.95
C CYS B 96 -4.30 -9.66 10.56
N ALA B 97 -4.48 -9.32 9.28
CA ALA B 97 -5.79 -8.92 8.79
C ALA B 97 -5.92 -9.41 7.36
N ARG B 98 -7.15 -9.68 6.96
CA ARG B 98 -7.44 -10.01 5.57
C ARG B 98 -7.81 -8.76 4.80
N GLY B 99 -7.08 -8.50 3.72
CA GLY B 99 -7.45 -7.44 2.83
C GLY B 99 -8.40 -7.93 1.78
N TYR B 100 -9.67 -7.53 1.87
CA TYR B 100 -10.62 -7.79 0.82
C TYR B 100 -10.46 -6.75 -0.29
N TYR B 101 -10.49 -7.21 -1.54
CA TYR B 101 -10.58 -6.32 -2.70
C TYR B 101 -10.79 -7.19 -3.93
N TYR B 102 -11.17 -6.55 -5.04
CA TYR B 102 -11.06 -7.17 -6.35
C TYR B 102 -10.22 -6.26 -7.25
N THR B 103 -9.69 -6.83 -8.33
CA THR B 103 -8.77 -6.12 -9.22
C THR B 103 -9.47 -5.71 -10.50
N GLY B 104 -9.26 -4.46 -10.90
CA GLY B 104 -9.86 -3.98 -12.14
C GLY B 104 -9.42 -4.84 -13.31
N LEU B 105 -10.35 -5.08 -14.24
CA LEU B 105 -10.08 -5.80 -15.48
C LEU B 105 -9.65 -4.84 -16.59
N TRP B 106 -9.58 -3.56 -16.29
CA TRP B 106 -9.22 -2.54 -17.26
C TRP B 106 -8.02 -1.80 -16.71
N TYR B 107 -7.15 -1.35 -17.60
CA TYR B 107 -6.01 -0.52 -17.21
C TYR B 107 -6.52 0.63 -16.33
N PRO B 108 -5.82 0.97 -15.24
CA PRO B 108 -4.53 0.45 -14.77
C PRO B 108 -4.61 -0.74 -13.80
N TYR B 109 -5.68 -1.53 -13.85
CA TYR B 109 -5.79 -2.75 -13.05
C TYR B 109 -5.62 -2.44 -11.56
N ALA B 110 -6.36 -1.44 -11.09
CA ALA B 110 -6.26 -1.02 -9.70
C ALA B 110 -7.02 -1.98 -8.78
N MET B 111 -6.81 -1.81 -7.47
CA MET B 111 -7.63 -2.51 -6.50
C MET B 111 -8.88 -1.67 -6.24
N TYR B 112 -10.01 -2.35 -6.09
CA TYR B 112 -11.28 -1.71 -5.80
C TYR B 112 -11.89 -2.29 -4.53
N GLU B 113 -12.63 -1.44 -3.80
CA GLU B 113 -13.36 -1.82 -2.60
C GLU B 113 -12.43 -2.42 -1.53
N PHE B 114 -11.24 -1.84 -1.38
CA PHE B 114 -10.29 -2.38 -0.43
C PHE B 114 -10.71 -2.09 1.00
N GLY B 115 -10.63 -3.10 1.84
CA GLY B 115 -10.85 -2.95 3.27
C GLY B 115 -10.28 -4.12 4.03
N MET B 116 -9.67 -3.87 5.19
CA MET B 116 -9.28 -4.94 6.09
C MET B 116 -10.51 -5.25 6.91
N ASP B 117 -11.30 -6.19 6.41
CA ASP B 117 -12.59 -6.44 7.02
C ASP B 117 -12.48 -7.36 8.22
N TYR B 118 -11.52 -8.27 8.23
CA TYR B 118 -11.33 -9.17 9.37
C TYR B 118 -9.92 -9.04 9.96
N TRP B 119 -9.85 -9.03 11.29
CA TRP B 119 -8.61 -8.84 12.03
C TRP B 119 -8.49 -9.91 13.11
N GLY B 120 -7.25 -10.33 13.37
CA GLY B 120 -6.98 -11.20 14.51
C GLY B 120 -7.05 -10.43 15.82
N GLN B 121 -6.80 -11.16 16.91
CA GLN B 121 -6.76 -10.51 18.23
C GLN B 121 -5.42 -9.84 18.49
N GLY B 122 -4.38 -10.20 17.77
CA GLY B 122 -3.09 -9.59 17.96
C GLY B 122 -2.17 -10.41 18.85
N THR B 123 -0.88 -10.31 18.60
CA THR B 123 0.10 -11.00 19.44
C THR B 123 1.18 -10.01 19.80
N LEU B 124 1.58 -10.01 21.08
CA LEU B 124 2.46 -8.98 21.60
C LEU B 124 3.92 -9.36 21.39
N VAL B 125 4.70 -8.44 20.83
CA VAL B 125 6.14 -8.60 20.67
C VAL B 125 6.82 -7.52 21.52
N THR B 126 7.58 -7.95 22.52
CA THR B 126 8.35 -7.03 23.37
C THR B 126 9.84 -7.24 23.15
N VAL B 127 10.54 -6.19 22.77
CA VAL B 127 11.99 -6.20 22.71
C VAL B 127 12.50 -5.63 24.02
N SER B 128 13.26 -6.42 24.78
CA SER B 128 13.59 -6.02 26.14
C SER B 128 14.59 -4.87 26.14
N SER B 129 14.58 -4.08 27.20
CA SER B 129 15.58 -3.03 27.41
C SER B 129 16.21 -3.16 28.78
N GLY B 130 17.26 -3.98 28.87
CA GLY B 130 17.87 -4.58 27.69
C GLY B 130 19.33 -5.06 27.69
N GLY B 131 20.15 -4.79 28.73
CA GLY B 131 19.76 -4.29 30.05
C GLY B 131 20.08 -2.85 30.43
N GLY B 132 19.53 -1.89 29.68
CA GLY B 132 19.81 -0.48 29.90
C GLY B 132 18.80 0.19 30.83
N GLY B 133 19.13 1.40 31.24
CA GLY B 133 18.18 2.20 31.98
C GLY B 133 17.07 2.66 31.05
N SER B 134 16.19 3.50 31.59
CA SER B 134 15.18 4.16 30.78
C SER B 134 15.39 5.66 30.86
N ASP B 135 14.75 6.37 29.92
CA ASP B 135 14.95 7.80 29.79
C ASP B 135 14.49 8.53 31.05
N ILE B 136 15.36 9.38 31.61
CA ILE B 136 14.93 10.37 32.59
C ILE B 136 14.47 11.60 31.81
N GLN B 137 13.24 12.04 32.06
CA GLN B 137 12.70 13.18 31.34
C GLN B 137 13.20 14.49 31.94
N LEU B 138 13.53 15.43 31.06
CA LEU B 138 13.93 16.77 31.44
C LEU B 138 13.02 17.74 30.72
N THR B 139 12.41 18.66 31.46
CA THR B 139 11.45 19.61 30.91
C THR B 139 11.97 21.01 31.13
N GLN B 140 12.08 21.79 30.05
CA GLN B 140 12.64 23.13 30.09
C GLN B 140 11.58 24.22 30.04
N SER B 141 11.92 25.38 30.61
CA SER B 141 11.15 26.62 30.51
C SER B 141 12.05 27.75 31.03
N THR B 142 11.77 29.02 30.73
CA THR B 142 10.82 29.43 29.72
C THR B 142 11.45 29.24 28.37
N SER B 143 10.96 28.24 27.62
CA SER B 143 11.44 28.02 26.26
C SER B 143 10.91 29.12 25.33
N SER B 144 11.84 29.86 24.71
CA SER B 144 11.58 30.88 23.69
C SER B 144 10.93 32.14 24.27
N LEU B 145 11.60 32.77 25.25
CA LEU B 145 11.06 34.00 25.81
C LEU B 145 11.95 35.19 25.41
N PRO B 146 11.50 36.06 24.49
CA PRO B 146 12.33 37.22 24.10
C PRO B 146 12.42 38.30 25.16
N ALA B 147 13.65 38.71 25.45
CA ALA B 147 14.02 39.75 26.42
C ALA B 147 14.81 40.87 25.73
N SER B 148 15.40 41.75 26.52
CA SER B 148 16.11 42.90 26.00
C SER B 148 17.61 42.77 26.23
N LEU B 149 18.37 43.57 25.49
CA LEU B 149 19.81 43.38 25.32
C LEU B 149 20.65 43.74 26.54
N GLY B 150 20.06 43.82 27.73
CA GLY B 150 20.86 43.92 28.93
C GLY B 150 20.25 43.15 30.09
N ASP B 151 19.15 42.46 29.80
CA ASP B 151 18.35 41.82 30.85
C ASP B 151 19.06 40.63 31.47
N ARG B 152 18.74 40.36 32.73
CA ARG B 152 19.04 39.07 33.31
C ARG B 152 18.00 38.07 32.83
N VAL B 153 18.45 36.89 32.40
CA VAL B 153 17.57 35.87 31.82
C VAL B 153 17.79 34.55 32.55
N THR B 154 16.70 33.85 32.84
CA THR B 154 16.77 32.57 33.54
C THR B 154 16.03 31.49 32.78
N ILE B 155 16.71 30.37 32.55
CA ILE B 155 16.12 29.16 31.95
C ILE B 155 16.12 28.07 33.00
N SER B 156 15.01 27.36 33.12
CA SER B 156 14.82 26.33 34.13
C SER B 156 14.68 24.95 33.49
N CYS B 157 15.07 23.94 34.26
CA CYS B 157 15.06 22.53 33.86
C CYS B 157 14.52 21.77 35.06
N ARG B 158 13.54 20.90 34.82
CA ARG B 158 13.03 20.02 35.86
C ARG B 158 13.19 18.59 35.41
N ALA B 159 13.89 17.78 36.22
CA ALA B 159 14.09 16.37 35.93
C ALA B 159 12.99 15.54 36.56
N GLY B 160 12.63 14.44 35.90
CA GLY B 160 11.57 13.58 36.40
C GLY B 160 11.93 12.77 37.63
N GLN B 161 13.21 12.69 37.98
CA GLN B 161 13.63 12.10 39.24
C GLN B 161 14.87 12.83 39.72
N ASP B 162 15.30 12.54 40.94
CA ASP B 162 16.47 13.17 41.52
C ASP B 162 17.73 12.80 40.74
N ILE B 163 18.49 13.82 40.28
CA ILE B 163 19.69 13.56 39.49
C ILE B 163 20.95 14.04 40.20
N SER B 164 20.86 14.37 41.50
CA SER B 164 22.05 14.53 42.34
C SER B 164 23.03 15.54 41.76
N ASN B 165 22.52 16.67 41.26
CA ASN B 165 23.31 17.78 40.72
C ASN B 165 24.10 17.42 39.46
N HIS B 166 23.90 16.23 38.88
CA HIS B 166 24.59 15.87 37.64
C HIS B 166 23.80 16.43 36.46
N LEU B 167 23.85 17.77 36.34
CA LEU B 167 23.06 18.50 35.36
C LEU B 167 23.99 19.49 34.63
N ASN B 168 24.03 19.40 33.30
CA ASN B 168 24.91 20.21 32.47
C ASN B 168 24.08 21.07 31.53
N TRP B 169 24.64 22.21 31.11
CA TRP B 169 23.97 23.16 30.23
C TRP B 169 24.80 23.40 28.97
N TYR B 170 24.13 23.38 27.81
CA TYR B 170 24.76 23.61 26.52
C TYR B 170 24.12 24.80 25.80
N GLN B 171 24.94 25.47 24.99
CA GLN B 171 24.51 26.53 24.10
C GLN B 171 24.68 26.09 22.64
N GLN B 172 23.61 26.20 21.86
CA GLN B 172 23.66 25.96 20.42
C GLN B 172 23.36 27.26 19.68
N LYS B 173 24.32 27.70 18.88
CA LYS B 173 24.17 28.87 18.02
C LYS B 173 23.32 28.56 16.79
N PRO B 174 22.81 29.59 16.10
CA PRO B 174 22.09 29.35 14.84
C PRO B 174 22.86 28.52 13.81
N ASP B 175 24.18 28.65 13.73
CA ASP B 175 24.92 27.85 12.75
C ASP B 175 25.04 26.36 13.12
N GLY B 176 24.42 25.92 14.22
CA GLY B 176 24.50 24.54 14.65
C GLY B 176 25.63 24.21 15.61
N THR B 177 26.56 25.13 15.83
CA THR B 177 27.67 24.89 16.75
C THR B 177 27.16 24.78 18.19
N VAL B 178 27.70 23.81 18.93
CA VAL B 178 27.30 23.51 20.30
C VAL B 178 28.50 23.66 21.21
N LYS B 179 28.28 24.28 22.39
CA LYS B 179 29.31 24.48 23.39
C LYS B 179 28.77 24.10 24.76
N LEU B 180 29.63 23.47 25.56
CA LEU B 180 29.33 23.27 26.98
C LEU B 180 29.51 24.59 27.72
N LEU B 181 28.52 24.96 28.52
CA LEU B 181 28.57 26.16 29.38
C LEU B 181 28.81 25.84 30.84
N ILE B 182 27.97 25.00 31.41
CA ILE B 182 27.96 24.67 32.83
C ILE B 182 27.93 23.16 32.97
N TYR B 183 28.69 22.62 33.92
CA TYR B 183 28.59 21.21 34.23
C TYR B 183 28.50 21.05 35.74
N TYR B 184 27.88 19.95 36.15
CA TYR B 184 27.67 19.65 37.57
C TYR B 184 26.96 20.81 38.26
N THR B 185 25.85 21.25 37.65
CA THR B 185 24.95 22.28 38.17
C THR B 185 25.50 23.70 38.09
N SER B 186 26.75 23.92 38.52
CA SER B 186 27.24 25.30 38.68
C SER B 186 28.68 25.53 38.23
N ARG B 187 29.40 24.51 37.79
CA ARG B 187 30.80 24.71 37.43
C ARG B 187 30.90 25.26 36.01
N LEU B 188 31.60 26.39 35.84
CA LEU B 188 31.79 26.96 34.51
C LEU B 188 32.83 26.18 33.70
N HIS B 189 32.49 25.86 32.46
CA HIS B 189 33.49 25.28 31.57
C HIS B 189 34.52 26.34 31.19
N SER B 190 35.71 25.88 30.86
CA SER B 190 36.80 26.78 30.52
C SER B 190 36.42 27.68 29.35
N GLY B 191 36.70 28.98 29.48
CA GLY B 191 36.42 29.94 28.45
C GLY B 191 35.04 30.58 28.51
N VAL B 192 34.16 30.08 29.36
CA VAL B 192 32.78 30.57 29.37
C VAL B 192 32.73 31.83 30.22
N PRO B 193 32.07 32.90 29.77
CA PRO B 193 32.04 34.15 30.52
C PRO B 193 31.33 34.04 31.87
N SER B 194 31.81 34.83 32.84
CA SER B 194 31.27 34.77 34.19
C SER B 194 29.80 35.18 34.28
N ARG B 195 29.26 35.83 33.25
CA ARG B 195 27.84 36.20 33.32
C ARG B 195 26.89 35.00 33.24
N PHE B 196 27.42 33.79 33.01
CA PHE B 196 26.65 32.55 33.07
C PHE B 196 26.83 31.91 34.44
N SER B 197 25.73 31.49 35.05
CA SER B 197 25.78 30.77 36.31
C SER B 197 24.63 29.76 36.34
N GLY B 198 24.79 28.76 37.20
CA GLY B 198 23.80 27.71 37.33
C GLY B 198 23.53 27.37 38.78
N SER B 199 22.30 26.96 39.04
CA SER B 199 21.84 26.66 40.39
C SER B 199 20.91 25.46 40.35
N GLY B 200 20.65 24.89 41.52
CA GLY B 200 19.67 23.85 41.68
C GLY B 200 20.21 22.66 42.46
N SER B 201 19.35 21.68 42.63
CA SER B 201 19.61 20.44 43.38
C SER B 201 18.37 19.57 43.20
N GLY B 202 18.51 18.29 43.54
CA GLY B 202 17.38 17.38 43.45
C GLY B 202 16.83 17.27 42.03
N THR B 203 15.62 17.78 41.80
CA THR B 203 14.98 17.72 40.49
C THR B 203 14.92 19.06 39.78
N ASP B 204 15.23 20.18 40.44
CA ASP B 204 15.00 21.50 39.88
C ASP B 204 16.33 22.23 39.70
N TYR B 205 16.57 22.73 38.49
CA TYR B 205 17.85 23.34 38.13
C TYR B 205 17.56 24.57 37.28
N SER B 206 18.54 25.48 37.24
CA SER B 206 18.34 26.75 36.55
C SER B 206 19.65 27.30 36.01
N LEU B 207 19.57 27.90 34.83
CA LEU B 207 20.68 28.60 34.19
C LEU B 207 20.33 30.07 34.08
N THR B 208 21.24 30.95 34.52
CA THR B 208 20.95 32.36 34.47
C THR B 208 22.06 33.09 33.73
N ILE B 209 21.68 34.04 32.89
CA ILE B 209 22.62 34.97 32.25
C ILE B 209 22.43 36.34 32.90
N SER B 210 23.50 36.84 33.53
CA SER B 210 23.37 38.04 34.37
C SER B 210 23.07 39.30 33.57
N ASN B 211 23.44 39.34 32.29
CA ASN B 211 23.08 40.44 31.40
C ASN B 211 23.27 40.01 29.94
N LEU B 212 22.16 40.02 29.21
CA LEU B 212 22.13 39.43 27.88
C LEU B 212 22.95 40.27 26.88
N GLU B 213 23.88 39.61 26.20
CA GLU B 213 24.61 40.22 25.10
C GLU B 213 24.13 39.61 23.78
N GLN B 214 24.45 40.28 22.68
CA GLN B 214 23.94 39.84 21.38
C GLN B 214 24.44 38.44 21.03
N GLU B 215 25.66 38.09 21.43
CA GLU B 215 26.18 36.76 21.13
C GLU B 215 25.53 35.67 21.95
N ASP B 216 24.69 36.01 22.93
CA ASP B 216 23.98 35.02 23.72
C ASP B 216 22.70 34.52 23.05
N ILE B 217 22.25 35.18 21.97
CA ILE B 217 21.15 34.70 21.14
C ILE B 217 21.45 33.28 20.69
N ALA B 218 20.68 32.31 21.21
CA ALA B 218 21.01 30.91 21.02
C ALA B 218 19.90 30.07 21.65
N THR B 219 19.99 28.76 21.43
CA THR B 219 19.12 27.80 22.07
C THR B 219 19.92 27.07 23.14
N TYR B 220 19.34 26.95 24.33
CA TYR B 220 20.01 26.40 25.50
C TYR B 220 19.38 25.06 25.87
N PHE B 221 20.22 24.05 26.13
CA PHE B 221 19.78 22.71 26.47
C PHE B 221 20.35 22.28 27.81
N CYS B 222 19.53 21.61 28.62
CA CYS B 222 20.03 20.92 29.80
C CYS B 222 20.20 19.42 29.50
N GLN B 223 20.95 18.73 30.36
CA GLN B 223 21.31 17.33 30.12
C GLN B 223 21.70 16.71 31.45
N GLN B 224 21.12 15.55 31.77
CA GLN B 224 21.45 14.82 33.00
C GLN B 224 22.50 13.75 32.68
N GLY B 225 23.45 13.62 33.60
CA GLY B 225 24.55 12.68 33.52
C GLY B 225 24.52 11.76 34.73
N ASN B 226 23.37 11.72 35.38
CA ASN B 226 23.24 10.87 36.56
C ASN B 226 23.15 9.40 36.21
N THR B 227 22.36 9.05 35.18
CA THR B 227 22.09 7.67 34.78
C THR B 227 22.10 7.55 33.27
N LEU B 228 22.57 6.41 32.77
CA LEU B 228 22.43 6.04 31.35
C LEU B 228 21.03 5.54 31.06
N PRO B 229 20.48 5.85 29.87
CA PRO B 229 21.08 6.69 28.83
C PRO B 229 21.05 8.16 29.23
N TRP B 230 22.12 8.89 28.89
CA TRP B 230 22.10 10.33 29.10
C TRP B 230 21.00 10.94 28.25
N THR B 231 20.31 11.93 28.80
CA THR B 231 19.16 12.54 28.16
C THR B 231 19.24 14.06 28.23
N PHE B 232 18.63 14.72 27.25
CA PHE B 232 18.61 16.17 27.17
C PHE B 232 17.21 16.74 27.43
N GLY B 233 17.17 17.99 27.85
CA GLY B 233 15.95 18.76 27.78
C GLY B 233 15.61 19.15 26.35
N GLY B 234 14.42 19.72 26.19
CA GLY B 234 13.94 20.04 24.86
C GLY B 234 14.48 21.31 24.27
N GLY B 235 15.23 22.09 25.01
CA GLY B 235 15.80 23.30 24.42
C GLY B 235 14.97 24.53 24.73
N SER B 236 15.64 25.65 24.94
CA SER B 236 14.99 26.93 25.15
C SER B 236 15.68 27.96 24.26
N LYS B 237 14.90 28.57 23.37
CA LYS B 237 15.45 29.51 22.40
C LYS B 237 15.42 30.92 22.98
N LEU B 238 16.55 31.60 22.96
CA LEU B 238 16.62 32.99 23.38
C LEU B 238 16.48 33.90 22.17
N GLU B 239 15.57 34.87 22.27
CA GLU B 239 15.31 35.84 21.21
C GLU B 239 15.36 37.25 21.78
N ILE B 240 15.56 38.22 20.89
CA ILE B 240 15.76 39.60 21.31
C ILE B 240 14.57 40.44 20.87
N LYS B 241 14.15 41.35 21.75
CA LYS B 241 12.86 42.02 21.67
C LYS B 241 12.93 43.33 20.88
N GLN C 1 44.63 21.69 21.41
CA GLN C 1 43.60 20.93 22.11
C GLN C 1 42.60 20.18 21.18
N VAL C 2 41.65 19.43 21.75
CA VAL C 2 40.93 18.42 20.98
C VAL C 2 40.07 19.08 19.94
N GLN C 3 40.05 18.51 18.73
CA GLN C 3 39.08 18.87 17.71
C GLN C 3 38.46 17.60 17.17
N LEU C 4 37.17 17.68 16.85
CA LEU C 4 36.42 16.55 16.34
C LEU C 4 35.71 17.00 15.07
N LYS C 5 35.61 16.11 14.08
CA LYS C 5 35.06 16.50 12.79
C LYS C 5 34.36 15.31 12.16
N GLU C 6 33.07 15.49 11.83
CA GLU C 6 32.26 14.42 11.26
C GLU C 6 32.39 14.43 9.74
N SER C 7 32.37 13.24 9.14
CA SER C 7 32.30 13.12 7.69
C SER C 7 31.51 11.86 7.33
N GLY C 8 30.91 11.88 6.15
CA GLY C 8 30.15 10.77 5.65
C GLY C 8 29.05 11.22 4.72
N PRO C 9 28.37 10.26 4.06
CA PRO C 9 27.28 10.64 3.14
C PRO C 9 26.19 11.44 3.83
N GLY C 10 25.65 12.41 3.10
CA GLY C 10 24.52 13.18 3.59
C GLY C 10 23.15 12.66 3.22
N LEU C 11 23.06 11.62 2.41
CA LEU C 11 21.78 11.05 2.01
C LEU C 11 21.86 9.54 2.07
N VAL C 12 20.87 8.91 2.74
CA VAL C 12 20.78 7.46 2.88
C VAL C 12 19.36 7.05 2.52
N ARG C 13 19.21 5.85 1.85
CA ARG C 13 17.87 5.40 1.52
C ARG C 13 17.30 4.56 2.64
N PRO C 14 15.99 4.62 2.85
CA PRO C 14 15.36 3.79 3.88
C PRO C 14 15.75 2.33 3.71
N SER C 15 16.04 1.67 4.83
CA SER C 15 16.43 0.27 5.01
C SER C 15 17.93 0.06 4.83
N GLN C 16 18.68 1.06 4.36
CA GLN C 16 20.12 0.94 4.22
C GLN C 16 20.80 1.35 5.53
N SER C 17 22.14 1.31 5.52
CA SER C 17 22.95 1.62 6.70
C SER C 17 23.49 3.04 6.57
N LEU C 18 23.45 3.76 7.69
CA LEU C 18 24.04 5.09 7.81
C LEU C 18 25.41 4.95 8.45
N SER C 19 26.45 5.42 7.77
CA SER C 19 27.82 5.36 8.29
C SER C 19 28.45 6.74 8.34
N LEU C 20 29.05 7.10 9.49
CA LEU C 20 29.70 8.37 9.72
C LEU C 20 31.04 8.16 10.41
N THR C 21 31.98 9.06 10.12
CA THR C 21 33.33 9.02 10.68
C THR C 21 33.58 10.29 11.49
N CYS C 22 34.17 10.14 12.68
CA CYS C 22 34.64 11.28 13.46
C CYS C 22 36.16 11.23 13.51
N SER C 23 36.80 12.27 12.97
CA SER C 23 38.26 12.36 12.96
C SER C 23 38.69 13.27 14.10
N VAL C 24 39.49 12.73 15.02
CA VAL C 24 39.90 13.45 16.21
C VAL C 24 41.37 13.85 16.06
N THR C 25 41.68 15.10 16.36
CA THR C 25 43.06 15.58 16.36
C THR C 25 43.33 16.30 17.67
N GLY C 26 44.61 16.33 18.06
CA GLY C 26 45.05 17.00 19.26
C GLY C 26 44.96 16.20 20.53
N TYR C 27 44.48 14.96 20.46
CA TYR C 27 44.31 14.11 21.64
C TYR C 27 43.99 12.72 21.11
N SER C 28 44.57 11.70 21.74
CA SER C 28 44.35 10.32 21.28
C SER C 28 43.12 9.73 21.95
N ILE C 29 42.30 9.05 21.16
CA ILE C 29 41.09 8.43 21.68
C ILE C 29 41.39 7.23 22.56
N THR C 30 42.63 6.76 22.58
CA THR C 30 43.06 5.72 23.50
C THR C 30 43.53 6.27 24.86
N SER C 31 43.80 7.58 24.96
CA SER C 31 44.34 8.14 26.21
C SER C 31 43.28 8.21 27.30
N GLY C 32 42.05 8.53 26.94
CA GLY C 32 41.03 8.71 27.98
C GLY C 32 39.73 9.15 27.35
N TYR C 33 38.74 9.34 28.23
CA TYR C 33 37.42 9.89 27.90
C TYR C 33 36.53 8.95 27.12
N TYR C 34 35.28 9.38 26.93
CA TYR C 34 34.28 8.64 26.18
C TYR C 34 33.96 9.39 24.90
N TRP C 35 33.84 8.64 23.81
CA TRP C 35 33.74 9.19 22.47
C TRP C 35 32.34 8.89 21.93
N ASN C 36 31.52 9.94 21.84
CA ASN C 36 30.07 9.82 21.73
C ASN C 36 29.57 10.19 20.34
N TRP C 37 28.43 9.61 19.99
CA TRP C 37 27.57 10.11 18.92
C TRP C 37 26.26 10.61 19.52
N ILE C 38 25.83 11.78 19.07
CA ILE C 38 24.61 12.46 19.50
C ILE C 38 23.93 12.97 18.24
N ARG C 39 22.60 12.92 18.20
CA ARG C 39 21.89 13.45 17.02
C ARG C 39 20.78 14.40 17.44
N GLN C 40 20.50 15.36 16.55
CA GLN C 40 19.47 16.37 16.73
C GLN C 40 18.43 16.21 15.64
N PHE C 41 17.21 15.85 16.03
CA PHE C 41 16.11 15.67 15.09
C PHE C 41 15.63 17.02 14.54
N PRO C 42 14.95 17.02 13.39
CA PRO C 42 14.50 18.30 12.80
C PRO C 42 13.73 19.18 13.75
N GLY C 43 12.98 18.63 14.68
CA GLY C 43 12.32 19.50 15.64
C GLY C 43 13.15 19.91 16.84
N ASN C 44 14.48 19.86 16.72
CA ASN C 44 15.47 20.37 17.66
C ASN C 44 15.79 19.45 18.84
N LYS C 45 15.06 18.35 19.03
CA LYS C 45 15.33 17.49 20.18
C LYS C 45 16.66 16.75 19.99
N LEU C 46 17.38 16.59 21.09
CA LEU C 46 18.66 15.92 21.11
C LEU C 46 18.52 14.54 21.70
N GLU C 47 19.27 13.58 21.14
CA GLU C 47 19.29 12.21 21.64
C GLU C 47 20.74 11.72 21.70
N TRP C 48 21.19 11.29 22.87
CA TRP C 48 22.48 10.61 22.98
C TRP C 48 22.36 9.21 22.41
N MET C 49 23.23 8.85 21.46
CA MET C 49 23.15 7.55 20.80
C MET C 49 24.04 6.49 21.43
N GLY C 50 25.26 6.83 21.83
CA GLY C 50 26.14 5.85 22.42
C GLY C 50 27.57 6.36 22.43
N TYR C 51 28.46 5.55 23.00
CA TYR C 51 29.88 5.88 22.98
C TYR C 51 30.74 4.65 22.76
N ILE C 52 32.00 4.91 22.42
CA ILE C 52 33.08 3.95 22.60
C ILE C 52 34.07 4.61 23.55
N SER C 53 34.53 3.87 24.54
CA SER C 53 35.41 4.48 25.51
C SER C 53 36.88 4.36 25.07
N TYR C 54 37.76 4.96 25.88
CA TYR C 54 39.21 4.90 25.67
C TYR C 54 39.72 3.47 25.63
N ASP C 55 39.04 2.53 26.30
CA ASP C 55 39.49 1.15 26.29
C ASP C 55 38.78 0.29 25.26
N GLY C 56 37.90 0.87 24.45
CA GLY C 56 37.19 0.12 23.43
C GLY C 56 35.84 -0.42 23.87
N SER C 57 35.41 -0.13 25.10
CA SER C 57 34.10 -0.57 25.57
C SER C 57 32.99 0.28 24.98
N ASN C 58 31.81 -0.31 24.86
CA ASN C 58 30.67 0.37 24.27
C ASN C 58 29.54 0.54 25.29
N ASN C 59 28.75 1.58 25.07
CA ASN C 59 27.48 1.68 25.75
C ASN C 59 26.52 2.41 24.81
N TYR C 60 25.34 1.85 24.61
CA TYR C 60 24.41 2.37 23.62
C TYR C 60 23.08 2.73 24.24
N ASN C 61 22.41 3.69 23.64
CA ASN C 61 21.05 4.02 24.04
C ASN C 61 20.16 2.79 23.84
N PRO C 62 19.41 2.37 24.87
CA PRO C 62 18.48 1.24 24.69
C PRO C 62 17.52 1.38 23.51
N SER C 63 17.14 2.60 23.12
CA SER C 63 16.25 2.74 21.98
C SER C 63 16.89 2.32 20.67
N LEU C 64 18.22 2.13 20.63
CA LEU C 64 18.94 1.81 19.40
C LEU C 64 19.70 0.49 19.45
N LYS C 65 19.89 -0.11 20.63
CA LYS C 65 20.52 -1.44 20.73
C LYS C 65 19.94 -2.38 19.70
N GLY C 66 20.82 -3.10 19.01
CA GLY C 66 20.40 -4.04 18.00
C GLY C 66 20.61 -3.54 16.58
N ARG C 67 20.70 -2.23 16.38
CA ARG C 67 21.01 -1.70 15.06
C ARG C 67 22.08 -0.61 15.08
N ILE C 68 22.82 -0.45 16.17
CA ILE C 68 23.88 0.54 16.24
C ILE C 68 25.19 -0.13 16.62
N SER C 69 26.28 0.36 16.04
CA SER C 69 27.63 -0.10 16.32
C SER C 69 28.49 1.16 16.31
N ILE C 70 29.30 1.35 17.35
CA ILE C 70 30.31 2.39 17.35
C ILE C 70 31.65 1.70 17.48
N THR C 71 32.52 1.89 16.50
CA THR C 71 33.82 1.23 16.44
C THR C 71 34.90 2.30 16.30
N ARG C 72 36.17 1.90 16.32
CA ARG C 72 37.24 2.87 16.19
C ARG C 72 38.41 2.26 15.43
N ASP C 73 39.25 3.15 14.89
CA ASP C 73 40.56 2.80 14.31
C ASP C 73 41.60 3.64 15.05
N THR C 74 42.32 3.03 16.01
CA THR C 74 43.19 3.84 16.85
C THR C 74 44.36 4.38 16.06
N SER C 75 44.78 3.69 14.99
CA SER C 75 45.92 4.15 14.20
C SER C 75 45.60 5.40 13.39
N LYS C 76 44.35 5.62 13.04
CA LYS C 76 43.93 6.84 12.38
C LYS C 76 43.34 7.87 13.34
N ASN C 77 43.16 7.51 14.61
CA ASN C 77 42.52 8.35 15.62
C ASN C 77 41.12 8.77 15.16
N GLN C 78 40.31 7.78 14.74
CA GLN C 78 38.94 7.99 14.30
C GLN C 78 38.03 7.00 15.00
N PHE C 79 36.77 7.39 15.21
CA PHE C 79 35.76 6.45 15.64
C PHE C 79 34.55 6.61 14.74
N PHE C 80 33.70 5.60 14.71
CA PHE C 80 32.74 5.42 13.63
C PHE C 80 31.37 5.11 14.19
N LEU C 81 30.35 5.62 13.50
CA LEU C 81 28.97 5.29 13.74
C LEU C 81 28.45 4.46 12.58
N LYS C 82 27.77 3.35 12.87
CA LYS C 82 27.00 2.61 11.87
C LYS C 82 25.62 2.33 12.43
N LEU C 83 24.60 2.86 11.74
CA LEU C 83 23.20 2.72 12.13
C LEU C 83 22.49 2.00 10.98
N ASN C 84 21.99 0.79 11.25
CA ASN C 84 21.42 -0.07 10.23
C ASN C 84 19.91 0.17 10.05
N SER C 85 19.40 -0.23 8.89
CA SER C 85 17.95 -0.27 8.62
C SER C 85 17.28 1.06 8.96
N VAL C 86 17.79 2.15 8.37
CA VAL C 86 17.30 3.46 8.72
C VAL C 86 15.90 3.69 8.16
N THR C 87 15.20 4.63 8.77
CA THR C 87 13.91 5.09 8.32
C THR C 87 13.95 6.61 8.31
N THR C 88 12.90 7.24 7.76
CA THR C 88 12.91 8.70 7.70
C THR C 88 13.03 9.30 9.10
N ASP C 89 12.66 8.54 10.14
CA ASP C 89 12.83 8.98 11.51
C ASP C 89 14.29 9.22 11.88
N ASP C 90 15.24 8.65 11.15
CA ASP C 90 16.65 8.85 11.44
C ASP C 90 17.21 10.09 10.76
N THR C 91 16.38 10.88 10.08
CA THR C 91 16.82 12.15 9.54
C THR C 91 17.17 13.09 10.68
N ALA C 92 18.43 13.53 10.70
CA ALA C 92 18.95 14.26 11.85
C ALA C 92 20.33 14.83 11.54
N THR C 93 20.75 15.77 12.36
CA THR C 93 22.11 16.26 12.36
C THR C 93 22.91 15.46 13.38
N TYR C 94 23.94 14.77 12.90
CA TYR C 94 24.74 13.88 13.74
C TYR C 94 25.98 14.62 14.24
N TYR C 95 26.21 14.59 15.55
CA TYR C 95 27.36 15.21 16.20
C TYR C 95 28.20 14.13 16.86
N CYS C 96 29.54 14.27 16.78
CA CYS C 96 30.39 13.53 17.70
C CYS C 96 30.91 14.46 18.80
N ALA C 97 31.24 13.87 19.94
CA ALA C 97 31.63 14.66 21.09
C ALA C 97 32.43 13.80 22.05
N ARG C 98 33.39 14.44 22.71
CA ARG C 98 34.16 13.83 23.78
C ARG C 98 33.51 14.17 25.12
N ALA C 99 33.38 13.17 25.99
CA ALA C 99 32.74 13.39 27.28
C ALA C 99 33.60 12.88 28.42
N TYR C 100 33.43 13.51 29.59
CA TYR C 100 33.71 12.86 30.85
C TYR C 100 32.62 13.20 31.85
N ILE C 101 32.55 14.47 32.25
CA ILE C 101 31.46 14.94 33.09
C ILE C 101 30.27 15.39 32.24
N GLY C 102 30.54 16.26 31.28
CA GLY C 102 29.60 16.56 30.23
C GLY C 102 30.29 16.38 28.90
N PHE C 103 29.56 16.74 27.85
CA PHE C 103 30.10 16.66 26.51
C PHE C 103 30.88 17.97 26.29
N ALA C 104 32.18 17.96 26.59
CA ALA C 104 32.92 19.22 26.63
C ALA C 104 33.44 19.68 25.28
N TYR C 105 33.60 18.78 24.29
CA TYR C 105 34.07 19.17 22.97
C TYR C 105 33.24 18.44 21.92
N TRP C 106 32.72 19.23 20.98
CA TRP C 106 31.76 18.79 19.97
C TRP C 106 32.31 19.04 18.57
N GLY C 107 32.04 18.09 17.67
CA GLY C 107 32.16 18.37 16.25
C GLY C 107 31.10 19.37 15.80
N GLN C 108 31.24 19.83 14.56
CA GLN C 108 30.32 20.86 14.06
C GLN C 108 28.97 20.30 13.64
N GLY C 109 28.83 18.97 13.52
CA GLY C 109 27.58 18.36 13.13
C GLY C 109 27.44 18.19 11.64
N THR C 110 26.82 17.10 11.20
CA THR C 110 26.59 16.89 9.78
C THR C 110 25.18 16.37 9.56
N LEU C 111 24.49 16.98 8.62
CA LEU C 111 23.10 16.60 8.34
C LEU C 111 23.07 15.34 7.50
N VAL C 112 22.32 14.33 7.97
CA VAL C 112 22.05 13.15 7.16
C VAL C 112 20.54 13.07 6.95
N THR C 113 20.13 13.00 5.70
CA THR C 113 18.73 12.88 5.34
C THR C 113 18.44 11.45 4.90
N VAL C 114 17.33 10.89 5.40
CA VAL C 114 16.84 9.59 4.97
C VAL C 114 15.56 9.85 4.19
N SER C 115 15.57 9.52 2.91
CA SER C 115 14.35 9.75 2.13
C SER C 115 14.32 8.77 0.96
N SER C 116 13.13 8.18 0.73
CA SER C 116 12.93 7.27 -0.38
C SER C 116 13.17 7.99 -1.70
N GLY C 117 13.30 7.21 -2.77
CA GLY C 117 13.25 7.72 -4.14
C GLY C 117 12.12 8.72 -4.31
N GLY C 118 10.86 8.28 -4.29
CA GLY C 118 10.45 6.88 -4.22
C GLY C 118 9.11 6.90 -4.95
N GLY C 119 8.73 8.12 -5.34
CA GLY C 119 7.80 8.28 -6.46
C GLY C 119 6.35 8.03 -6.09
N GLY C 120 5.65 7.37 -7.01
CA GLY C 120 4.24 7.12 -6.81
C GLY C 120 3.93 6.14 -5.69
N SER C 121 4.87 5.27 -5.32
CA SER C 121 4.66 4.33 -4.23
C SER C 121 4.75 4.97 -2.86
N ASP C 122 5.21 6.21 -2.77
CA ASP C 122 5.60 6.83 -1.50
C ASP C 122 4.49 7.80 -1.07
N ILE C 123 3.49 7.29 -0.33
CA ILE C 123 2.28 8.07 0.02
C ILE C 123 2.06 8.11 1.53
N GLN C 124 1.96 9.34 2.09
CA GLN C 124 1.61 9.63 3.49
C GLN C 124 0.15 10.08 3.63
N MET C 125 -0.42 9.82 4.80
CA MET C 125 -1.75 10.31 5.15
C MET C 125 -1.60 11.21 6.38
N THR C 126 -2.08 12.45 6.27
CA THR C 126 -1.95 13.41 7.37
C THR C 126 -3.33 13.65 7.96
N GLN C 127 -3.54 13.13 9.15
CA GLN C 127 -4.85 13.11 9.79
C GLN C 127 -4.93 14.23 10.80
N SER C 128 -6.10 14.86 10.88
CA SER C 128 -6.35 15.96 11.81
C SER C 128 -7.82 15.96 12.29
N PRO C 129 -8.07 16.40 13.56
CA PRO C 129 -7.06 16.73 14.57
C PRO C 129 -6.52 15.47 15.22
N SER C 130 -5.43 15.56 15.98
CA SER C 130 -4.95 14.38 16.66
C SER C 130 -5.88 13.94 17.78
N SER C 131 -6.71 14.86 18.30
CA SER C 131 -7.49 14.62 19.50
C SER C 131 -8.68 15.58 19.48
N LEU C 132 -9.83 15.11 19.93
CA LEU C 132 -11.09 15.83 19.79
C LEU C 132 -11.95 15.60 21.03
N SER C 133 -12.32 16.68 21.71
CA SER C 133 -13.29 16.60 22.80
C SER C 133 -14.69 16.74 22.23
N ALA C 134 -15.56 15.78 22.54
CA ALA C 134 -16.89 15.78 21.97
C ALA C 134 -17.90 15.24 22.96
N SER C 135 -19.17 15.61 22.73
CA SER C 135 -20.28 15.24 23.60
C SER C 135 -21.26 14.39 22.83
N VAL C 136 -22.01 13.56 23.56
CA VAL C 136 -23.09 12.80 22.94
C VAL C 136 -24.00 13.77 22.21
N GLY C 137 -24.24 13.49 20.92
CA GLY C 137 -25.10 14.31 20.09
C GLY C 137 -24.36 15.26 19.18
N ASP C 138 -23.08 15.52 19.44
CA ASP C 138 -22.27 16.38 18.57
C ASP C 138 -22.13 15.76 17.18
N ARG C 139 -21.98 16.62 16.18
CA ARG C 139 -21.50 16.23 14.87
C ARG C 139 -19.98 16.28 14.90
N VAL C 140 -19.33 15.15 14.57
CA VAL C 140 -17.87 15.03 14.63
C VAL C 140 -17.32 14.89 13.22
N THR C 141 -16.27 15.65 12.92
CA THR C 141 -15.63 15.64 11.61
C THR C 141 -14.14 15.39 11.76
N ILE C 142 -13.63 14.37 11.09
CA ILE C 142 -12.23 13.97 11.11
C ILE C 142 -11.72 14.01 9.68
N THR C 143 -10.60 14.71 9.45
CA THR C 143 -10.09 14.85 8.09
C THR C 143 -8.74 14.15 7.92
N CYS C 144 -8.41 13.86 6.67
CA CYS C 144 -7.18 13.16 6.33
C CYS C 144 -6.80 13.64 4.95
N ARG C 145 -5.56 14.08 4.79
CA ARG C 145 -5.06 14.57 3.52
C ARG C 145 -3.98 13.63 3.02
N ALA C 146 -4.14 13.15 1.79
CA ALA C 146 -3.15 12.28 1.19
C ALA C 146 -2.05 13.11 0.56
N SER C 147 -0.80 12.66 0.70
CA SER C 147 0.33 13.45 0.22
C SER C 147 0.36 13.56 -1.30
N GLN C 148 -0.25 12.62 -2.00
CA GLN C 148 -0.49 12.74 -3.43
C GLN C 148 -1.79 11.99 -3.72
N SER C 149 -2.22 12.03 -4.98
CA SER C 149 -3.52 11.46 -5.29
C SER C 149 -3.57 9.98 -4.95
N VAL C 150 -4.66 9.56 -4.30
CA VAL C 150 -4.88 8.15 -3.99
C VAL C 150 -6.17 7.66 -4.64
N SER C 151 -6.70 8.39 -5.62
CA SER C 151 -8.00 8.10 -6.19
C SER C 151 -9.00 8.07 -5.03
N SER C 152 -9.88 7.08 -4.91
CA SER C 152 -10.74 6.98 -3.75
C SER C 152 -10.42 5.74 -2.90
N ALA C 153 -9.19 5.25 -2.97
CA ALA C 153 -8.78 4.05 -2.23
C ALA C 153 -8.44 4.42 -0.79
N VAL C 154 -9.46 4.84 -0.06
CA VAL C 154 -9.31 5.25 1.33
C VAL C 154 -10.35 4.52 2.18
N ALA C 155 -9.90 3.96 3.30
CA ALA C 155 -10.75 3.28 4.26
C ALA C 155 -10.59 3.94 5.62
N TRP C 156 -11.61 3.82 6.47
CA TRP C 156 -11.62 4.36 7.82
C TRP C 156 -11.89 3.23 8.82
N TYR C 157 -11.18 3.29 9.96
CA TYR C 157 -11.24 2.23 10.96
C TYR C 157 -11.47 2.86 12.32
N GLN C 158 -12.14 2.11 13.19
CA GLN C 158 -12.36 2.46 14.59
C GLN C 158 -11.60 1.48 15.47
N GLN C 159 -10.96 2.00 16.52
CA GLN C 159 -10.27 1.11 17.46
C GLN C 159 -10.58 1.54 18.88
N LYS C 160 -10.99 0.61 19.71
CA LYS C 160 -11.15 0.83 21.14
C LYS C 160 -10.00 0.18 21.91
N PRO C 161 -9.68 0.65 23.12
CA PRO C 161 -8.48 0.16 23.82
C PRO C 161 -8.50 -1.34 24.05
N GLY C 162 -7.33 -1.96 23.82
CA GLY C 162 -7.13 -3.39 23.97
C GLY C 162 -7.75 -4.25 22.90
N LYS C 163 -8.40 -3.66 21.89
CA LYS C 163 -9.13 -4.40 20.87
C LYS C 163 -8.56 -4.14 19.48
N ALA C 164 -8.81 -5.08 18.57
CA ALA C 164 -8.41 -4.90 17.19
C ALA C 164 -9.25 -3.80 16.52
N PRO C 165 -8.68 -3.09 15.55
CA PRO C 165 -9.47 -2.12 14.76
C PRO C 165 -10.62 -2.79 14.02
N LYS C 166 -11.70 -2.02 13.78
CA LYS C 166 -12.84 -2.45 12.97
C LYS C 166 -13.01 -1.55 11.74
N LEU C 167 -13.33 -2.16 10.60
CA LEU C 167 -13.57 -1.40 9.38
C LEU C 167 -14.90 -0.66 9.46
N LEU C 168 -14.89 0.63 9.12
CA LEU C 168 -16.10 1.45 9.07
C LEU C 168 -16.53 1.79 7.66
N ILE C 169 -15.60 2.31 6.87
CA ILE C 169 -15.83 2.86 5.54
C ILE C 169 -14.76 2.31 4.62
N TYR C 170 -15.14 1.97 3.37
CA TYR C 170 -14.16 1.64 2.35
C TYR C 170 -14.51 2.39 1.06
N SER C 171 -13.53 2.46 0.17
CA SER C 171 -13.66 3.23 -1.09
C SER C 171 -14.14 4.65 -0.81
N ALA C 172 -13.63 5.25 0.26
CA ALA C 172 -13.86 6.62 0.71
C ALA C 172 -15.26 6.86 1.28
N SER C 173 -16.30 6.27 0.70
CA SER C 173 -17.66 6.64 1.06
C SER C 173 -18.60 5.45 1.19
N SER C 174 -18.10 4.22 1.12
CA SER C 174 -18.98 3.06 1.25
C SER C 174 -18.98 2.60 2.70
N LEU C 175 -20.18 2.49 3.26
CA LEU C 175 -20.38 2.04 4.63
C LEU C 175 -20.25 0.53 4.69
N TYR C 176 -19.34 0.04 5.53
CA TYR C 176 -19.19 -1.40 5.66
C TYR C 176 -20.41 -2.01 6.35
N SER C 177 -20.77 -3.22 5.90
CA SER C 177 -21.99 -3.89 6.33
C SER C 177 -22.08 -3.99 7.84
N GLY C 178 -23.22 -3.56 8.39
CA GLY C 178 -23.44 -3.61 9.83
C GLY C 178 -23.01 -2.36 10.58
N VAL C 179 -22.25 -1.46 9.95
CA VAL C 179 -21.85 -0.23 10.62
C VAL C 179 -23.04 0.71 10.69
N PRO C 180 -23.29 1.37 11.82
CA PRO C 180 -24.45 2.26 11.92
C PRO C 180 -24.41 3.40 10.92
N SER C 181 -25.60 3.82 10.50
CA SER C 181 -25.73 4.83 9.46
C SER C 181 -25.31 6.22 9.90
N ARG C 182 -25.04 6.46 11.18
CA ARG C 182 -24.53 7.78 11.54
C ARG C 182 -23.11 8.00 11.06
N PHE C 183 -22.39 6.94 10.68
CA PHE C 183 -21.05 7.06 10.12
C PHE C 183 -21.13 7.25 8.60
N SER C 184 -20.35 8.20 8.08
CA SER C 184 -20.28 8.41 6.65
C SER C 184 -18.91 8.99 6.28
N GLY C 185 -18.53 8.81 5.02
CA GLY C 185 -17.24 9.29 4.56
C GLY C 185 -17.38 10.01 3.24
N SER C 186 -16.44 10.92 2.97
CA SER C 186 -16.46 11.64 1.71
C SER C 186 -15.05 12.05 1.30
N ARG C 187 -14.92 12.44 0.03
CA ARG C 187 -13.66 12.77 -0.61
C ARG C 187 -13.80 14.08 -1.36
N SER C 188 -12.77 14.94 -1.27
CA SER C 188 -12.64 16.13 -2.11
C SER C 188 -11.19 16.20 -2.56
N GLY C 189 -10.92 15.75 -3.78
CA GLY C 189 -9.56 15.67 -4.28
C GLY C 189 -8.69 14.78 -3.41
N THR C 190 -7.71 15.35 -2.71
CA THR C 190 -6.86 14.61 -1.80
C THR C 190 -7.32 14.71 -0.34
N ASP C 191 -8.49 15.31 -0.09
CA ASP C 191 -9.04 15.47 1.27
C ASP C 191 -10.14 14.45 1.51
N PHE C 192 -10.01 13.70 2.60
CA PHE C 192 -10.99 12.70 3.00
C PHE C 192 -11.52 13.07 4.38
N THR C 193 -12.82 12.90 4.58
CA THR C 193 -13.51 13.27 5.80
C THR C 193 -14.34 12.10 6.28
N LEU C 194 -14.19 11.77 7.56
CA LEU C 194 -15.11 10.88 8.25
C LEU C 194 -16.03 11.73 9.11
N THR C 195 -17.34 11.49 9.01
CA THR C 195 -18.33 12.23 9.77
C THR C 195 -19.14 11.28 10.61
N ILE C 196 -19.33 11.62 11.88
CA ILE C 196 -20.32 11.00 12.74
C ILE C 196 -21.42 12.04 12.93
N SER C 197 -22.62 11.73 12.45
CA SER C 197 -23.65 12.75 12.37
C SER C 197 -24.11 13.18 13.76
N SER C 198 -24.34 12.21 14.65
CA SER C 198 -24.72 12.48 16.03
C SER C 198 -24.02 11.47 16.92
N LEU C 199 -22.99 11.93 17.64
CA LEU C 199 -22.12 11.02 18.38
C LEU C 199 -22.88 10.30 19.48
N GLN C 200 -22.57 9.03 19.66
CA GLN C 200 -23.17 8.18 20.66
C GLN C 200 -22.11 7.74 21.66
N PRO C 201 -22.50 7.32 22.87
CA PRO C 201 -21.50 6.96 23.88
C PRO C 201 -20.59 5.81 23.48
N GLU C 202 -21.04 4.89 22.63
CA GLU C 202 -20.16 3.83 22.16
C GLU C 202 -19.19 4.28 21.07
N ASP C 203 -19.23 5.55 20.65
CA ASP C 203 -18.39 6.06 19.58
C ASP C 203 -17.08 6.67 20.06
N PHE C 204 -16.84 6.71 21.37
CA PHE C 204 -15.58 7.21 21.89
C PHE C 204 -14.50 6.17 21.64
N ALA C 205 -13.48 6.56 20.89
CA ALA C 205 -12.56 5.64 20.29
C ALA C 205 -11.47 6.43 19.56
N THR C 206 -10.55 5.72 18.94
CA THR C 206 -9.59 6.30 18.02
C THR C 206 -9.94 5.84 16.62
N TYR C 207 -9.90 6.76 15.67
CA TYR C 207 -10.24 6.53 14.28
C TYR C 207 -9.02 6.77 13.41
N TYR C 208 -8.84 5.92 12.38
CA TYR C 208 -7.68 5.96 11.51
C TYR C 208 -8.14 5.94 10.07
N CYS C 209 -7.60 6.84 9.24
CA CYS C 209 -7.72 6.66 7.79
C CYS C 209 -6.60 5.73 7.32
N GLN C 210 -6.72 5.28 6.06
CA GLN C 210 -5.79 4.33 5.47
C GLN C 210 -5.93 4.46 3.96
N GLN C 211 -4.80 4.54 3.25
CA GLN C 211 -4.83 4.50 1.78
C GLN C 211 -4.26 3.18 1.28
N SER C 212 -4.85 2.67 0.21
CA SER C 212 -4.38 1.46 -0.46
C SER C 212 -4.13 1.74 -1.93
N SER C 213 -3.85 2.99 -2.29
CA SER C 213 -3.45 3.31 -3.64
C SER C 213 -2.04 2.80 -3.92
N SER C 214 -1.11 3.06 -3.02
CA SER C 214 0.20 2.44 -3.15
C SER C 214 0.19 1.05 -2.52
N SER C 215 0.98 0.13 -3.10
CA SER C 215 1.16 -1.17 -2.47
C SER C 215 1.86 -1.05 -1.12
N LEU C 216 2.50 0.09 -0.84
CA LEU C 216 2.92 0.45 0.52
C LEU C 216 1.75 1.12 1.21
N ILE C 217 0.88 0.30 1.80
CA ILE C 217 -0.28 0.80 2.50
C ILE C 217 0.16 1.66 3.68
N THR C 218 -0.54 2.78 3.91
CA THR C 218 -0.22 3.63 5.06
C THR C 218 -1.50 4.08 5.75
N PHE C 219 -1.38 4.26 7.07
CA PHE C 219 -2.42 4.76 7.95
C PHE C 219 -2.16 6.21 8.31
N GLY C 220 -3.22 6.96 8.52
CA GLY C 220 -3.07 8.23 9.21
C GLY C 220 -2.64 8.01 10.67
N GLN C 221 -2.31 9.15 11.32
CA GLN C 221 -1.83 9.12 12.69
C GLN C 221 -2.93 8.78 13.70
N GLY C 222 -4.19 8.88 13.32
CA GLY C 222 -5.29 8.59 14.22
C GLY C 222 -5.85 9.84 14.88
N THR C 223 -7.16 9.82 15.16
CA THR C 223 -7.85 10.86 15.90
C THR C 223 -8.57 10.21 17.09
N LYS C 224 -8.20 10.62 18.30
CA LYS C 224 -8.86 10.15 19.51
C LYS C 224 -10.05 11.05 19.83
N VAL C 225 -11.24 10.48 19.86
CA VAL C 225 -12.44 11.22 20.23
C VAL C 225 -12.72 10.90 21.70
N GLU C 226 -12.72 11.94 22.54
CA GLU C 226 -12.58 11.81 23.97
C GLU C 226 -13.80 12.34 24.71
N ILE C 227 -14.19 11.61 25.74
CA ILE C 227 -15.35 11.93 26.57
C ILE C 227 -14.89 12.87 27.68
N LYS C 228 -15.81 13.65 28.22
CA LYS C 228 -15.55 14.52 29.36
C LYS C 228 -14.90 13.79 30.51
#